data_5A7Q
#
_entry.id   5A7Q
#
_cell.length_a   101.194
_cell.length_b   149.080
_cell.length_c   57.627
_cell.angle_alpha   90.00
_cell.angle_beta   90.00
_cell.angle_gamma   90.00
#
_symmetry.space_group_name_H-M   'P 21 21 2'
#
loop_
_entity.id
_entity.type
_entity.pdbx_description
1 polymer 'LYSINE-SPECIFIC DEMETHYLASE 4A'
2 non-polymer 'MANGANESE (II) ION'
3 non-polymer '2-(5-azanyl-2-oxidanyl-phenyl)pyridine-4-carboxylic acid'
4 non-polymer 'ZINC ION'
5 non-polymer 'CHLORIDE ION'
6 non-polymer 1,2-ETHANEDIOL
7 water water
#
_entity_poly.entity_id   1
_entity_poly.type   'polypeptide(L)'
_entity_poly.pdbx_seq_one_letter_code
;MHHHHHHSSGVDLGTENLYFQSMASESETLNPSARIMTFYPTMEEFRNFSRYIAYIESQGAHRAGLAKVVPPKEWKPRAS
YDDIDDLVIPAPIQQLVTGQSGLFTQYNIQKKAMTVREFRKIANSDKYCTPRYSEFEELERKYWKNLTFNPPIYGADVNG
TLYEKHVDEWNIGRLRTILDLVEKESGITIEGVNTPYLYFGMWKTSFAWHTEDMDLYSINYLHFGEPKSWYSVPPEHGKR
LERLAKGFFPGSAQSCEAFLRHKMTLISPLMLKKYGIPFDKVTQEAGEFMITFPYGYHAGFNHGFNCAESTNFATRRWIE
YGKQAVLCSCRKDMVKISMDVFVRKFQPERYKLWKAGKDNTVIDHTLPTPEAAEFLKESEL
;
_entity_poly.pdbx_strand_id   A,B
#
loop_
_chem_comp.id
_chem_comp.type
_chem_comp.name
_chem_comp.formula
CL non-polymer 'CHLORIDE ION' 'Cl -1'
EDO non-polymer 1,2-ETHANEDIOL 'C2 H6 O2'
KCH non-polymer '2-(5-azanyl-2-oxidanyl-phenyl)pyridine-4-carboxylic acid' 'C12 H10 N2 O3'
MN non-polymer 'MANGANESE (II) ION' 'Mn 2'
ZN non-polymer 'ZINC ION' 'Zn 2'
#
# COMPACT_ATOMS: atom_id res chain seq x y z
N SER A 25 11.67 0.15 19.16
CA SER A 25 11.28 -1.26 19.25
C SER A 25 10.36 -1.43 20.45
N GLU A 26 10.52 -0.58 21.47
CA GLU A 26 9.56 -0.53 22.57
C GLU A 26 8.21 -0.05 22.04
N SER A 27 8.23 1.03 21.27
CA SER A 27 7.03 1.59 20.68
C SER A 27 6.57 0.81 19.45
N GLU A 28 7.53 0.24 18.72
CA GLU A 28 7.23 -0.49 17.51
C GLU A 28 6.67 -1.88 17.81
N THR A 29 6.68 -2.26 19.09
CA THR A 29 6.11 -3.52 19.53
C THR A 29 4.66 -3.34 19.95
N LEU A 30 4.24 -2.08 20.08
CA LEU A 30 2.86 -1.75 20.46
C LEU A 30 2.03 -1.38 19.23
N ASN A 31 0.83 -1.97 19.15
CA ASN A 31 0.00 -1.92 17.95
C ASN A 31 0.81 -2.12 16.65
N PRO A 32 1.47 -3.27 16.51
CA PRO A 32 2.33 -3.51 15.34
C PRO A 32 1.53 -3.58 14.03
N SER A 33 0.23 -3.87 14.13
CA SER A 33 -0.62 -3.96 12.96
C SER A 33 -1.19 -2.60 12.57
N ALA A 34 -1.01 -1.61 13.44
CA ALA A 34 -1.50 -0.25 13.22
C ALA A 34 -3.00 -0.23 12.96
N ARG A 35 -3.75 -1.02 13.74
CA ARG A 35 -5.20 -1.07 13.61
C ARG A 35 -5.85 0.02 14.46
N ILE A 36 -7.04 0.46 14.03
CA ILE A 36 -7.81 1.44 14.78
C ILE A 36 -8.21 0.88 16.13
N MET A 37 -7.85 1.60 17.19
CA MET A 37 -8.13 1.14 18.55
C MET A 37 -9.29 1.91 19.16
N THR A 38 -10.01 1.26 20.06
CA THR A 38 -11.14 1.87 20.75
C THR A 38 -10.90 1.86 22.25
N PHE A 39 -11.13 3.00 22.90
CA PHE A 39 -10.84 3.13 24.33
C PHE A 39 -12.08 3.47 25.13
N TYR A 40 -12.16 2.91 26.33
CA TYR A 40 -13.26 3.17 27.25
C TYR A 40 -12.73 3.74 28.55
N PRO A 41 -12.39 5.03 28.56
CA PRO A 41 -11.84 5.66 29.77
C PRO A 41 -12.85 5.76 30.90
N THR A 42 -12.38 5.59 32.13
CA THR A 42 -13.18 5.90 33.30
C THR A 42 -13.32 7.40 33.40
N MET A 43 -14.21 7.87 34.26
CA MET A 43 -14.41 9.31 34.43
C MET A 43 -13.13 10.00 34.92
N GLU A 44 -12.36 9.30 35.75
CA GLU A 44 -11.12 9.84 36.27
C GLU A 44 -10.09 10.03 35.17
N GLU A 45 -10.01 9.06 34.27
CA GLU A 45 -9.10 9.13 33.14
C GLU A 45 -9.57 10.17 32.11
N PHE A 46 -10.88 10.39 32.08
CA PHE A 46 -11.50 11.21 31.05
C PHE A 46 -11.35 12.72 31.32
N ARG A 47 -11.14 13.09 32.57
CA ARG A 47 -11.09 14.51 32.94
C ARG A 47 -9.86 15.25 32.39
N ASN A 48 -8.71 14.58 32.35
CA ASN A 48 -7.51 15.21 31.83
C ASN A 48 -7.29 14.82 30.37
N PHE A 49 -7.65 15.73 29.48
CA PHE A 49 -7.66 15.44 28.05
C PHE A 49 -6.27 15.10 27.50
N SER A 50 -5.33 16.02 27.66
CA SER A 50 -3.98 15.83 27.09
C SER A 50 -3.29 14.61 27.70
N ARG A 51 -3.60 14.31 28.95
CA ARG A 51 -3.02 13.15 29.62
C ARG A 51 -3.53 11.86 28.98
N TYR A 52 -4.82 11.80 28.67
CA TYR A 52 -5.38 10.59 28.10
C TYR A 52 -4.92 10.38 26.66
N ILE A 53 -4.70 11.48 25.94
CA ILE A 53 -4.14 11.38 24.60
C ILE A 53 -2.75 10.76 24.67
N ALA A 54 -1.95 11.24 25.61
CA ALA A 54 -0.61 10.68 25.82
C ALA A 54 -0.71 9.19 26.16
N TYR A 55 -1.71 8.83 26.96
CA TYR A 55 -1.91 7.43 27.33
C TYR A 55 -2.21 6.54 26.12
N ILE A 56 -3.21 6.90 25.32
CA ILE A 56 -3.58 6.05 24.19
C ILE A 56 -2.43 5.95 23.19
N GLU A 57 -1.59 6.99 23.14
CA GLU A 57 -0.39 6.93 22.32
C GLU A 57 0.62 5.96 22.93
N SER A 58 0.63 5.83 24.26
CA SER A 58 1.52 4.87 24.90
C SER A 58 1.08 3.45 24.56
N GLN A 59 -0.20 3.31 24.19
CA GLN A 59 -0.75 2.03 23.79
C GLN A 59 -0.67 1.82 22.28
N GLY A 60 -0.06 2.79 21.58
CA GLY A 60 0.19 2.67 20.16
C GLY A 60 -0.98 3.04 19.25
N ALA A 61 -1.97 3.71 19.81
CA ALA A 61 -3.18 4.08 19.06
C ALA A 61 -2.88 4.95 17.86
N HIS A 62 -1.86 5.81 17.97
CA HIS A 62 -1.56 6.77 16.91
C HIS A 62 -1.09 6.12 15.63
N ARG A 63 -0.56 4.91 15.72
CA ARG A 63 0.00 4.23 14.55
C ARG A 63 -1.08 4.00 13.50
N ALA A 64 -2.33 3.92 13.92
CA ALA A 64 -3.45 3.75 12.98
C ALA A 64 -3.81 5.08 12.29
N GLY A 65 -3.48 6.19 12.95
CA GLY A 65 -3.81 7.51 12.43
C GLY A 65 -5.18 7.96 12.92
N LEU A 66 -5.91 7.03 13.51
CA LEU A 66 -7.27 7.25 13.93
C LEU A 66 -7.59 6.34 15.13
N ALA A 67 -8.34 6.88 16.09
CA ALA A 67 -8.74 6.10 17.25
C ALA A 67 -10.12 6.52 17.73
N LYS A 68 -10.86 5.58 18.32
CA LYS A 68 -12.16 5.91 18.89
C LYS A 68 -12.07 5.95 20.40
N VAL A 69 -12.69 6.97 20.99
CA VAL A 69 -12.79 7.03 22.44
C VAL A 69 -14.24 7.16 22.85
N VAL A 70 -14.71 6.16 23.60
CA VAL A 70 -16.08 6.13 24.09
C VAL A 70 -16.10 6.70 25.50
N PRO A 71 -16.74 7.86 25.68
CA PRO A 71 -16.76 8.54 26.98
C PRO A 71 -17.59 7.79 28.02
N PRO A 72 -17.35 8.06 29.31
CA PRO A 72 -18.15 7.46 30.40
C PRO A 72 -19.64 7.69 30.19
N LYS A 73 -20.44 6.67 30.44
CA LYS A 73 -21.86 6.70 30.10
C LYS A 73 -22.62 7.84 30.78
N GLU A 74 -22.10 8.31 31.91
CA GLU A 74 -22.77 9.38 32.64
C GLU A 74 -22.40 10.76 32.08
N TRP A 75 -21.28 10.84 31.37
CA TRP A 75 -20.84 12.11 30.81
C TRP A 75 -21.73 12.54 29.64
N LYS A 76 -22.14 13.80 29.67
CA LYS A 76 -22.90 14.39 28.57
C LYS A 76 -22.48 15.85 28.43
N PRO A 77 -22.23 16.29 27.18
CA PRO A 77 -21.78 17.67 26.92
C PRO A 77 -22.94 18.65 26.85
N ARG A 78 -24.14 18.13 26.73
CA ARG A 78 -25.33 18.96 26.61
C ARG A 78 -26.56 18.21 27.14
N ALA A 79 -27.37 18.91 27.92
CA ALA A 79 -28.57 18.29 28.50
C ALA A 79 -29.54 17.85 27.41
N SER A 80 -29.75 18.70 26.41
CA SER A 80 -30.75 18.40 25.38
C SER A 80 -30.50 19.13 24.06
N TYR A 81 -30.85 18.46 22.96
CA TYR A 81 -30.69 19.01 21.63
C TYR A 81 -32.04 19.36 20.98
N ASP A 82 -32.93 19.97 21.75
CA ASP A 82 -34.27 20.29 21.25
C ASP A 82 -34.42 21.75 20.84
N ASP A 83 -33.44 22.57 21.22
CA ASP A 83 -33.52 24.01 21.02
C ASP A 83 -32.83 24.49 19.74
N ILE A 84 -32.13 23.60 19.05
CA ILE A 84 -31.23 24.01 17.99
C ILE A 84 -31.85 24.00 16.60
N ASP A 85 -33.17 23.87 16.53
CA ASP A 85 -33.86 23.85 15.23
C ASP A 85 -33.73 25.17 14.48
N ASP A 86 -33.54 26.25 15.22
CA ASP A 86 -33.45 27.58 14.62
C ASP A 86 -32.01 28.01 14.40
N LEU A 87 -31.06 27.16 14.77
CA LEU A 87 -29.65 27.42 14.50
C LEU A 87 -29.43 27.54 13.00
N VAL A 88 -28.69 28.57 12.59
CA VAL A 88 -28.52 28.85 11.17
C VAL A 88 -27.27 28.18 10.59
N ILE A 89 -27.43 27.55 9.44
CA ILE A 89 -26.31 27.03 8.65
C ILE A 89 -26.04 28.00 7.52
N PRO A 90 -25.05 28.90 7.70
CA PRO A 90 -24.81 30.04 6.81
C PRO A 90 -24.41 29.64 5.40
N ALA A 91 -23.71 28.52 5.26
CA ALA A 91 -23.18 28.13 3.95
C ALA A 91 -23.28 26.63 3.74
N PRO A 92 -24.51 26.12 3.56
CA PRO A 92 -24.60 24.70 3.23
C PRO A 92 -24.04 24.47 1.84
N ILE A 93 -23.44 23.30 1.61
CA ILE A 93 -22.82 23.04 0.34
C ILE A 93 -23.39 21.77 -0.28
N GLN A 94 -23.70 21.84 -1.57
CA GLN A 94 -24.14 20.66 -2.31
C GLN A 94 -22.92 19.97 -2.89
N GLN A 95 -22.78 18.67 -2.62
CA GLN A 95 -21.56 17.96 -3.00
C GLN A 95 -21.73 17.22 -4.31
N LEU A 96 -21.22 17.82 -5.38
CA LEU A 96 -21.24 17.15 -6.66
C LEU A 96 -19.97 16.33 -6.80
N VAL A 97 -20.13 15.06 -7.17
CA VAL A 97 -19.01 14.15 -7.28
C VAL A 97 -18.93 13.60 -8.69
N THR A 98 -17.73 13.63 -9.27
CA THR A 98 -17.49 13.12 -10.60
C THR A 98 -16.39 12.07 -10.53
N GLY A 99 -16.54 11.00 -11.30
CA GLY A 99 -15.54 9.96 -11.34
C GLY A 99 -16.09 8.58 -11.62
N GLN A 100 -15.21 7.59 -11.52
CA GLN A 100 -15.51 6.21 -11.84
C GLN A 100 -14.37 5.35 -11.33
N SER A 101 -14.60 4.04 -11.23
CA SER A 101 -13.55 3.08 -10.88
C SER A 101 -12.84 3.41 -9.58
N GLY A 102 -13.59 3.89 -8.59
CA GLY A 102 -13.05 4.14 -7.27
C GLY A 102 -12.28 5.44 -7.12
N LEU A 103 -12.26 6.25 -8.17
CA LEU A 103 -11.55 7.53 -8.13
C LEU A 103 -12.50 8.68 -8.42
N PHE A 104 -12.59 9.62 -7.49
CA PHE A 104 -13.57 10.69 -7.62
C PHE A 104 -13.03 12.04 -7.21
N THR A 105 -13.61 13.09 -7.78
CA THR A 105 -13.30 14.45 -7.36
C THR A 105 -14.60 15.15 -6.98
N GLN A 106 -14.62 15.72 -5.78
CA GLN A 106 -15.81 16.34 -5.23
C GLN A 106 -15.79 17.85 -5.43
N TYR A 107 -16.87 18.37 -6.01
CA TYR A 107 -16.99 19.81 -6.23
C TYR A 107 -18.08 20.39 -5.34
N ASN A 108 -17.73 21.41 -4.57
CA ASN A 108 -18.67 22.03 -3.64
C ASN A 108 -19.45 23.16 -4.31
N ILE A 109 -20.77 23.10 -4.17
CA ILE A 109 -21.62 24.20 -4.63
C ILE A 109 -22.37 24.78 -3.44
N GLN A 110 -22.03 26.00 -3.06
CA GLN A 110 -22.65 26.61 -1.89
C GLN A 110 -24.10 26.96 -2.15
N LYS A 111 -24.96 26.61 -1.20
CA LYS A 111 -26.37 26.93 -1.28
C LYS A 111 -26.71 28.06 -0.32
N LYS A 112 -27.90 28.63 -0.47
CA LYS A 112 -28.36 29.69 0.42
C LYS A 112 -28.42 29.19 1.86
N ALA A 113 -28.26 30.11 2.80
CA ALA A 113 -28.33 29.78 4.22
C ALA A 113 -29.64 29.08 4.57
N MET A 114 -29.63 28.26 5.61
CA MET A 114 -30.82 27.54 6.03
C MET A 114 -30.70 27.12 7.48
N THR A 115 -31.84 26.86 8.12
CA THR A 115 -31.88 26.45 9.52
C THR A 115 -31.74 24.94 9.64
N VAL A 116 -31.35 24.48 10.82
CA VAL A 116 -31.26 23.05 11.09
C VAL A 116 -32.59 22.35 10.80
N ARG A 117 -33.68 23.00 11.20
CA ARG A 117 -35.01 22.49 10.91
C ARG A 117 -35.20 22.26 9.41
N GLU A 118 -34.87 23.27 8.61
CA GLU A 118 -34.99 23.15 7.16
C GLU A 118 -34.05 22.07 6.62
N PHE A 119 -32.89 21.92 7.26
CA PHE A 119 -31.91 20.93 6.84
C PHE A 119 -32.36 19.51 7.13
N ARG A 120 -32.82 19.29 8.36
CA ARG A 120 -33.29 17.96 8.77
C ARG A 120 -34.45 17.50 7.91
N LYS A 121 -35.33 18.45 7.57
CA LYS A 121 -36.49 18.15 6.73
C LYS A 121 -36.04 17.60 5.39
N ILE A 122 -35.11 18.29 4.76
CA ILE A 122 -34.54 17.84 3.49
C ILE A 122 -33.79 16.53 3.67
N ALA A 123 -33.03 16.43 4.76
CA ALA A 123 -32.23 15.23 5.04
C ALA A 123 -33.08 13.97 5.18
N ASN A 124 -34.23 14.09 5.83
CA ASN A 124 -35.08 12.93 6.09
C ASN A 124 -36.11 12.71 5.00
N SER A 125 -36.21 13.65 4.07
CA SER A 125 -37.13 13.53 2.96
C SER A 125 -36.80 12.29 2.13
N ASP A 126 -37.79 11.80 1.39
CA ASP A 126 -37.64 10.56 0.63
C ASP A 126 -36.47 10.60 -0.35
N LYS A 127 -36.18 11.78 -0.89
CA LYS A 127 -35.16 11.89 -1.93
C LYS A 127 -33.74 11.77 -1.37
N TYR A 128 -33.54 12.15 -0.11
CA TYR A 128 -32.19 12.23 0.44
C TYR A 128 -31.93 11.29 1.61
N CYS A 129 -32.97 10.61 2.08
CA CYS A 129 -32.86 9.79 3.28
C CYS A 129 -32.04 8.53 3.05
N THR A 130 -31.58 7.92 4.15
CA THR A 130 -30.80 6.70 4.12
C THR A 130 -31.55 5.56 3.44
N PRO A 131 -30.90 4.87 2.49
CA PRO A 131 -31.47 3.66 1.91
C PRO A 131 -31.55 2.56 2.95
N ARG A 132 -32.42 1.57 2.75
CA ARG A 132 -32.49 0.46 3.69
C ARG A 132 -31.43 -0.58 3.39
N TYR A 133 -30.99 -1.27 4.43
CA TYR A 133 -29.89 -2.22 4.32
C TYR A 133 -29.83 -3.13 5.53
N SER A 134 -29.10 -4.24 5.41
CA SER A 134 -28.89 -5.15 6.54
C SER A 134 -27.62 -4.77 7.29
N GLU A 135 -26.52 -5.41 6.92
CA GLU A 135 -25.23 -5.15 7.55
C GLU A 135 -24.56 -3.90 6.97
N PHE A 136 -23.51 -3.42 7.65
CA PHE A 136 -22.81 -2.20 7.23
C PHE A 136 -22.19 -2.31 5.84
N GLU A 137 -21.70 -3.49 5.50
CA GLU A 137 -21.03 -3.70 4.22
C GLU A 137 -21.96 -3.35 3.05
N GLU A 138 -23.26 -3.54 3.26
CA GLU A 138 -24.25 -3.24 2.24
C GLU A 138 -24.43 -1.74 2.06
N LEU A 139 -24.51 -1.00 3.16
CA LEU A 139 -24.63 0.45 3.10
C LEU A 139 -23.37 1.05 2.50
N GLU A 140 -22.23 0.46 2.81
CA GLU A 140 -20.95 0.94 2.30
C GLU A 140 -20.87 0.76 0.78
N ARG A 141 -21.38 -0.37 0.30
CA ARG A 141 -21.39 -0.64 -1.14
C ARG A 141 -22.31 0.32 -1.85
N LYS A 142 -23.45 0.62 -1.25
CA LYS A 142 -24.38 1.60 -1.79
C LYS A 142 -23.76 3.00 -1.85
N TYR A 143 -22.95 3.34 -0.86
CA TYR A 143 -22.30 4.64 -0.84
C TYR A 143 -21.39 4.77 -2.06
N TRP A 144 -20.52 3.78 -2.27
CA TRP A 144 -19.53 3.84 -3.34
C TRP A 144 -20.15 3.64 -4.72
N LYS A 145 -21.34 3.06 -4.75
CA LYS A 145 -22.07 2.83 -5.99
C LYS A 145 -22.85 4.08 -6.43
N ASN A 146 -23.35 4.83 -5.46
CA ASN A 146 -24.25 5.96 -5.74
C ASN A 146 -23.65 7.32 -5.42
N LEU A 147 -22.35 7.33 -5.16
CA LEU A 147 -21.63 8.52 -4.73
C LEU A 147 -21.84 9.72 -5.67
N THR A 148 -21.90 9.45 -6.97
CA THR A 148 -21.99 10.50 -7.98
C THR A 148 -23.43 10.88 -8.34
N PHE A 149 -24.41 10.21 -7.73
CA PHE A 149 -25.81 10.48 -8.03
C PHE A 149 -26.46 11.29 -6.92
N ASN A 150 -27.54 12.00 -7.27
CA ASN A 150 -28.35 12.75 -6.31
C ASN A 150 -27.52 13.51 -5.29
N PRO A 151 -26.77 14.52 -5.74
CA PRO A 151 -25.81 15.21 -4.86
C PRO A 151 -26.47 15.76 -3.62
N PRO A 152 -25.97 15.35 -2.44
CA PRO A 152 -26.53 15.73 -1.14
C PRO A 152 -26.09 17.12 -0.70
N ILE A 153 -26.68 17.62 0.37
CA ILE A 153 -26.26 18.87 0.97
C ILE A 153 -25.60 18.61 2.31
N TYR A 154 -24.43 19.20 2.52
CA TYR A 154 -23.71 19.06 3.78
C TYR A 154 -23.72 20.41 4.49
N GLY A 155 -24.24 20.43 5.72
CA GLY A 155 -24.22 21.64 6.52
C GLY A 155 -22.87 21.77 7.21
N ALA A 156 -21.83 22.03 6.43
CA ALA A 156 -20.45 21.96 6.93
C ALA A 156 -19.89 23.31 7.40
N ASP A 157 -18.84 23.24 8.20
CA ASP A 157 -18.07 24.41 8.64
C ASP A 157 -18.95 25.47 9.32
N VAL A 158 -19.86 25.03 10.18
CA VAL A 158 -20.65 25.98 10.96
C VAL A 158 -19.88 26.39 12.21
N ASN A 159 -19.59 27.68 12.33
CA ASN A 159 -18.92 28.22 13.51
C ASN A 159 -19.78 28.08 14.75
N GLY A 160 -19.32 27.30 15.72
CA GLY A 160 -20.05 27.16 16.96
C GLY A 160 -19.77 25.90 17.74
N THR A 161 -20.48 25.74 18.85
CA THR A 161 -20.33 24.59 19.73
C THR A 161 -21.70 24.18 20.29
N LEU A 162 -21.84 22.92 20.69
CA LEU A 162 -23.06 22.49 21.35
C LEU A 162 -22.78 22.06 22.79
N TYR A 163 -21.53 22.25 23.22
CA TYR A 163 -21.16 22.01 24.62
C TYR A 163 -21.78 23.06 25.52
N GLU A 164 -22.33 22.62 26.66
CA GLU A 164 -22.75 23.57 27.68
C GLU A 164 -21.51 24.21 28.31
N LYS A 165 -21.61 25.49 28.65
CA LYS A 165 -20.44 26.27 29.06
C LYS A 165 -19.70 25.71 30.28
N HIS A 166 -20.35 24.82 31.02
CA HIS A 166 -19.81 24.31 32.28
C HIS A 166 -19.08 22.98 32.12
N VAL A 167 -19.26 22.32 30.97
CA VAL A 167 -18.63 21.02 30.74
C VAL A 167 -17.11 21.19 30.60
N ASP A 168 -16.37 20.65 31.57
CA ASP A 168 -14.92 20.84 31.63
C ASP A 168 -14.12 19.69 31.03
N GLU A 169 -14.80 18.58 30.73
CA GLU A 169 -14.12 17.42 30.19
C GLU A 169 -14.28 17.37 28.68
N TRP A 170 -13.14 17.25 27.98
CA TRP A 170 -13.12 17.11 26.52
C TRP A 170 -13.99 18.15 25.83
N ASN A 171 -13.89 19.39 26.30
CA ASN A 171 -14.64 20.49 25.70
C ASN A 171 -13.90 21.00 24.47
N ILE A 172 -14.47 20.72 23.30
CA ILE A 172 -13.86 21.05 22.02
C ILE A 172 -13.60 22.55 21.90
N GLY A 173 -14.39 23.35 22.61
CA GLY A 173 -14.20 24.79 22.62
C GLY A 173 -13.02 25.26 23.45
N ARG A 174 -12.51 24.40 24.33
CA ARG A 174 -11.40 24.77 25.19
C ARG A 174 -10.63 23.54 25.71
N LEU A 175 -9.87 22.90 24.84
CA LEU A 175 -9.13 21.68 25.19
C LEU A 175 -7.83 21.98 25.95
N ARG A 176 -7.34 23.20 25.84
CA ARG A 176 -6.16 23.66 26.56
C ARG A 176 -4.87 22.92 26.20
N THR A 177 -4.72 22.53 24.93
CA THR A 177 -3.44 21.98 24.47
C THR A 177 -2.52 23.11 24.04
N ILE A 178 -1.28 22.78 23.67
CA ILE A 178 -0.31 23.80 23.28
C ILE A 178 -0.64 24.47 21.94
N LEU A 179 -1.68 24.00 21.25
CA LEU A 179 -2.14 24.71 20.06
C LEU A 179 -2.60 26.12 20.44
N ASP A 180 -3.01 26.29 21.70
CA ASP A 180 -3.42 27.59 22.23
C ASP A 180 -2.31 28.64 22.13
N LEU A 181 -1.07 28.18 21.97
CA LEU A 181 0.04 29.10 21.82
C LEU A 181 -0.05 29.97 20.57
N VAL A 182 -0.74 29.48 19.55
CA VAL A 182 -0.90 30.27 18.32
C VAL A 182 -1.65 31.56 18.59
N GLU A 183 -2.86 31.45 19.14
CA GLU A 183 -3.66 32.63 19.46
C GLU A 183 -3.00 33.47 20.56
N LYS A 184 -2.53 32.80 21.60
CA LYS A 184 -1.92 33.46 22.76
C LYS A 184 -0.78 34.37 22.34
N GLU A 185 -0.10 33.97 21.28
CA GLU A 185 1.09 34.67 20.80
C GLU A 185 0.78 35.73 19.75
N SER A 186 -0.15 35.42 18.85
CA SER A 186 -0.36 36.24 17.67
C SER A 186 -1.76 36.87 17.61
N GLY A 187 -2.68 36.35 18.40
CA GLY A 187 -4.07 36.80 18.38
C GLY A 187 -4.85 36.17 17.25
N ILE A 188 -4.17 35.33 16.45
CA ILE A 188 -4.78 34.76 15.26
C ILE A 188 -5.70 33.59 15.57
N THR A 189 -6.94 33.69 15.10
CA THR A 189 -7.86 32.56 15.12
C THR A 189 -8.02 32.02 13.72
N ILE A 190 -8.04 30.70 13.62
CA ILE A 190 -8.22 30.00 12.37
C ILE A 190 -9.44 29.09 12.50
N GLU A 191 -10.52 29.46 11.83
CA GLU A 191 -11.82 28.84 12.03
C GLU A 191 -11.81 27.32 11.77
N GLY A 192 -12.28 26.57 12.76
CA GLY A 192 -12.30 25.13 12.67
C GLY A 192 -11.00 24.49 13.12
N VAL A 193 -9.95 25.30 13.22
CA VAL A 193 -8.62 24.79 13.57
C VAL A 193 -8.30 25.05 15.05
N ASN A 194 -8.32 26.31 15.47
CA ASN A 194 -8.28 26.60 16.90
C ASN A 194 -9.60 27.20 17.38
N THR A 195 -10.66 26.98 16.60
CA THR A 195 -12.03 27.27 17.00
C THR A 195 -12.89 26.06 16.60
N PRO A 196 -14.08 25.92 17.21
CA PRO A 196 -14.90 24.74 16.87
C PRO A 196 -15.77 24.89 15.62
N TYR A 197 -15.97 23.78 14.93
CA TYR A 197 -16.87 23.70 13.79
C TYR A 197 -17.98 22.69 14.02
N LEU A 198 -19.17 22.99 13.54
CA LEU A 198 -20.26 22.03 13.56
C LEU A 198 -20.53 21.52 12.16
N TYR A 199 -20.81 20.22 12.03
CA TYR A 199 -21.12 19.61 10.75
C TYR A 199 -22.47 18.90 10.81
N PHE A 200 -23.44 19.42 10.08
CA PHE A 200 -24.73 18.74 9.96
C PHE A 200 -24.76 17.91 8.68
N GLY A 201 -24.78 16.59 8.85
CA GLY A 201 -24.72 15.70 7.71
C GLY A 201 -26.06 15.09 7.32
N MET A 202 -26.15 14.64 6.08
CA MET A 202 -27.24 13.79 5.64
C MET A 202 -26.62 12.59 4.94
N TRP A 203 -27.45 11.63 4.54
CA TRP A 203 -26.94 10.43 3.86
C TRP A 203 -26.05 10.82 2.67
N LYS A 204 -24.91 10.14 2.58
CA LYS A 204 -24.02 10.20 1.41
C LYS A 204 -23.21 11.49 1.33
N THR A 205 -23.26 12.31 2.39
CA THR A 205 -22.32 13.43 2.47
C THR A 205 -20.94 12.90 2.86
N SER A 206 -19.89 13.51 2.29
CA SER A 206 -18.55 12.94 2.40
C SER A 206 -17.51 13.91 2.92
N PHE A 207 -16.44 13.36 3.51
CA PHE A 207 -15.23 14.15 3.70
C PHE A 207 -14.09 13.40 3.01
N ALA A 208 -13.43 14.11 2.09
CA ALA A 208 -12.39 13.53 1.25
C ALA A 208 -11.13 13.12 2.00
N TRP A 209 -10.25 12.39 1.33
CA TRP A 209 -8.97 11.99 1.93
C TRP A 209 -8.10 13.19 2.27
N HIS A 210 -7.65 13.25 3.52
CA HIS A 210 -6.82 14.36 3.96
C HIS A 210 -6.13 14.09 5.29
N THR A 211 -5.05 14.81 5.53
CA THR A 211 -4.56 14.99 6.88
C THR A 211 -5.04 16.37 7.32
N GLU A 212 -4.85 16.70 8.60
CA GLU A 212 -5.29 17.99 9.10
C GLU A 212 -4.35 19.10 8.63
N ASP A 213 -4.82 20.34 8.65
CA ASP A 213 -3.93 21.48 8.39
C ASP A 213 -2.71 21.41 9.29
N MET A 214 -1.53 21.66 8.72
CA MET A 214 -0.26 21.61 9.44
C MET A 214 -0.03 20.23 10.06
N ASP A 215 -0.78 19.24 9.57
CA ASP A 215 -0.72 17.87 10.07
C ASP A 215 -0.96 17.80 11.57
N LEU A 216 -1.91 18.60 12.03
CA LEU A 216 -2.32 18.60 13.44
C LEU A 216 -3.13 17.36 13.79
N TYR A 217 -3.40 17.21 15.09
CA TYR A 217 -4.42 16.29 15.57
C TYR A 217 -5.79 16.87 15.26
N SER A 218 -6.82 16.04 15.30
CA SER A 218 -8.17 16.57 15.36
C SER A 218 -9.00 15.74 16.33
N ILE A 219 -10.07 16.36 16.84
CA ILE A 219 -11.02 15.66 17.69
C ILE A 219 -12.40 15.82 17.06
N ASN A 220 -13.18 14.75 17.02
CA ASN A 220 -14.50 14.80 16.41
C ASN A 220 -15.53 14.14 17.32
N TYR A 221 -16.57 14.90 17.69
CA TYR A 221 -17.63 14.36 18.53
C TYR A 221 -18.97 14.34 17.81
N LEU A 222 -19.54 13.15 17.70
CA LEU A 222 -20.85 13.00 17.07
C LEU A 222 -21.95 13.24 18.12
N HIS A 223 -22.46 14.46 18.15
CA HIS A 223 -23.47 14.87 19.13
C HIS A 223 -24.73 13.99 19.08
N PHE A 224 -25.32 13.90 17.89
CA PHE A 224 -26.53 13.09 17.72
C PHE A 224 -26.70 12.64 16.27
N GLY A 225 -27.61 11.70 16.06
CA GLY A 225 -28.00 11.29 14.72
C GLY A 225 -27.44 9.96 14.25
N GLU A 226 -27.51 9.74 12.95
CA GLU A 226 -27.02 8.51 12.34
C GLU A 226 -25.49 8.48 12.34
N PRO A 227 -24.90 7.28 12.17
CA PRO A 227 -23.44 7.14 12.28
C PRO A 227 -22.61 7.86 11.21
N LYS A 228 -21.32 8.01 11.51
CA LYS A 228 -20.34 8.51 10.56
C LYS A 228 -19.26 7.45 10.40
N SER A 229 -18.98 7.04 9.16
CA SER A 229 -17.99 5.99 8.93
C SER A 229 -16.67 6.57 8.45
N TRP A 230 -15.58 5.98 8.90
CA TRP A 230 -14.24 6.51 8.65
C TRP A 230 -13.35 5.48 7.97
N TYR A 231 -12.46 5.96 7.10
CA TYR A 231 -11.34 5.16 6.61
C TYR A 231 -10.06 5.83 7.09
N SER A 232 -9.03 5.06 7.40
CA SER A 232 -7.79 5.65 7.87
C SER A 232 -6.57 4.93 7.32
N VAL A 233 -5.53 5.69 7.02
CA VAL A 233 -4.26 5.12 6.61
C VAL A 233 -3.20 5.47 7.64
N PRO A 234 -2.47 4.47 8.14
CA PRO A 234 -1.36 4.70 9.08
C PRO A 234 -0.37 5.75 8.58
N PRO A 235 0.02 6.70 9.44
CA PRO A 235 1.02 7.71 9.11
C PRO A 235 2.29 7.11 8.50
N GLU A 236 2.76 5.99 9.05
CA GLU A 236 3.97 5.38 8.53
C GLU A 236 3.77 4.89 7.07
N HIS A 237 2.54 5.02 6.57
CA HIS A 237 2.19 4.56 5.24
C HIS A 237 1.58 5.71 4.41
N GLY A 238 1.53 6.90 5.01
CA GLY A 238 0.91 8.05 4.36
C GLY A 238 1.57 8.44 3.04
N LYS A 239 2.89 8.30 2.98
CA LYS A 239 3.63 8.68 1.79
C LYS A 239 3.22 7.82 0.60
N ARG A 240 2.92 6.56 0.87
CA ARG A 240 2.53 5.62 -0.19
C ARG A 240 1.18 6.00 -0.78
N LEU A 241 0.26 6.43 0.08
CA LEU A 241 -1.03 6.94 -0.39
C LEU A 241 -0.83 8.17 -1.27
N GLU A 242 0.07 9.06 -0.84
CA GLU A 242 0.36 10.26 -1.61
C GLU A 242 0.88 9.92 -3.00
N ARG A 243 1.80 8.96 -3.08
CA ARG A 243 2.37 8.55 -4.37
C ARG A 243 1.30 7.97 -5.28
N LEU A 244 0.42 7.17 -4.69
CA LEU A 244 -0.71 6.60 -5.42
C LEU A 244 -1.63 7.71 -5.95
N ALA A 245 -1.97 8.66 -5.08
CA ALA A 245 -2.87 9.74 -5.44
C ALA A 245 -2.29 10.61 -6.54
N LYS A 246 -0.99 10.88 -6.47
CA LYS A 246 -0.32 11.67 -7.50
C LYS A 246 -0.36 10.96 -8.85
N GLY A 247 -0.24 9.63 -8.83
CA GLY A 247 -0.34 8.84 -10.03
C GLY A 247 -1.73 8.90 -10.63
N PHE A 248 -2.75 8.82 -9.76
CA PHE A 248 -4.13 8.85 -10.22
C PHE A 248 -4.57 10.23 -10.70
N PHE A 249 -4.00 11.27 -10.10
CA PHE A 249 -4.39 12.64 -10.46
C PHE A 249 -3.15 13.48 -10.81
N PRO A 250 -2.52 13.17 -11.95
CA PRO A 250 -1.25 13.82 -12.33
C PRO A 250 -1.41 15.32 -12.58
N GLY A 251 -2.52 15.71 -13.19
CA GLY A 251 -2.80 17.12 -13.43
C GLY A 251 -2.84 17.90 -12.13
N SER A 252 -3.56 17.38 -11.15
CA SER A 252 -3.67 18.01 -9.84
C SER A 252 -2.31 18.04 -9.13
N ALA A 253 -1.56 16.94 -9.25
CA ALA A 253 -0.26 16.82 -8.60
C ALA A 253 0.74 17.85 -9.14
N GLN A 254 0.63 18.14 -10.43
CA GLN A 254 1.54 19.10 -11.06
C GLN A 254 1.21 20.53 -10.67
N SER A 255 -0.06 20.78 -10.42
CA SER A 255 -0.53 22.12 -10.11
C SER A 255 -0.37 22.50 -8.63
N CYS A 256 -0.22 21.50 -7.77
CA CYS A 256 -0.07 21.77 -6.33
C CYS A 256 0.79 20.72 -5.65
N GLU A 257 1.66 21.16 -4.74
CA GLU A 257 2.58 20.28 -4.05
C GLU A 257 1.86 19.44 -2.98
N ALA A 258 0.61 19.77 -2.72
CA ALA A 258 -0.16 19.06 -1.71
C ALA A 258 -1.65 19.12 -2.03
N PHE A 259 -2.04 18.60 -3.19
CA PHE A 259 -3.40 18.80 -3.68
C PHE A 259 -4.44 18.07 -2.83
N LEU A 260 -4.02 17.06 -2.07
CA LEU A 260 -4.98 16.38 -1.19
C LEU A 260 -5.55 17.33 -0.14
N ARG A 261 -4.80 18.40 0.17
CA ARG A 261 -5.26 19.39 1.14
C ARG A 261 -6.43 20.20 0.64
N HIS A 262 -6.74 20.10 -0.66
CA HIS A 262 -7.95 20.72 -1.20
C HIS A 262 -9.17 19.99 -0.68
N LYS A 263 -8.96 18.77 -0.18
CA LYS A 263 -10.03 17.92 0.33
C LYS A 263 -11.14 17.71 -0.67
N MET A 264 -10.75 17.43 -1.92
CA MET A 264 -11.70 17.16 -2.98
C MET A 264 -11.57 15.73 -3.52
N THR A 265 -10.62 14.97 -3.00
CA THR A 265 -10.25 13.69 -3.60
C THR A 265 -10.79 12.49 -2.83
N LEU A 266 -11.63 11.71 -3.50
CA LEU A 266 -12.25 10.52 -2.93
C LEU A 266 -11.67 9.26 -3.56
N ILE A 267 -11.25 8.31 -2.73
CA ILE A 267 -10.65 7.07 -3.19
C ILE A 267 -11.27 5.90 -2.42
N SER A 268 -11.87 4.97 -3.14
CA SER A 268 -12.57 3.84 -2.52
C SER A 268 -11.62 2.85 -1.87
N PRO A 269 -12.09 2.14 -0.83
CA PRO A 269 -11.23 1.16 -0.14
C PRO A 269 -10.79 0.03 -1.08
N LEU A 270 -11.61 -0.29 -2.07
CA LEU A 270 -11.24 -1.31 -3.05
C LEU A 270 -10.02 -0.88 -3.85
N MET A 271 -9.93 0.42 -4.15
CA MET A 271 -8.80 0.95 -4.89
C MET A 271 -7.53 0.93 -4.03
N LEU A 272 -7.68 1.19 -2.74
CA LEU A 272 -6.52 1.12 -1.84
C LEU A 272 -6.02 -0.33 -1.75
N LYS A 273 -6.93 -1.28 -1.62
CA LYS A 273 -6.57 -2.70 -1.55
C LYS A 273 -5.83 -3.12 -2.82
N LYS A 274 -6.35 -2.67 -3.95
CA LYS A 274 -5.80 -3.02 -5.26
C LYS A 274 -4.34 -2.58 -5.40
N TYR A 275 -3.96 -1.50 -4.72
CA TYR A 275 -2.61 -0.98 -4.84
C TYR A 275 -1.81 -1.11 -3.54
N GLY A 276 -2.29 -1.97 -2.65
CA GLY A 276 -1.50 -2.36 -1.50
C GLY A 276 -1.31 -1.28 -0.46
N ILE A 277 -2.17 -0.27 -0.46
CA ILE A 277 -2.15 0.74 0.59
C ILE A 277 -2.86 0.21 1.82
N PRO A 278 -2.13 0.07 2.92
CA PRO A 278 -2.78 -0.43 4.14
C PRO A 278 -3.74 0.61 4.73
N PHE A 279 -4.85 0.14 5.27
CA PHE A 279 -5.86 1.04 5.81
C PHE A 279 -6.77 0.28 6.75
N ASP A 280 -7.52 1.01 7.55
CA ASP A 280 -8.50 0.40 8.43
C ASP A 280 -9.78 1.21 8.32
N LYS A 281 -10.88 0.66 8.81
CA LYS A 281 -12.15 1.38 8.80
C LYS A 281 -12.82 1.27 10.15
N VAL A 282 -13.65 2.25 10.46
CA VAL A 282 -14.36 2.25 11.73
C VAL A 282 -15.62 3.09 11.56
N THR A 283 -16.66 2.73 12.27
CA THR A 283 -17.91 3.47 12.23
C THR A 283 -18.19 4.15 13.56
N GLN A 284 -18.45 5.45 13.49
CA GLN A 284 -18.63 6.28 14.67
C GLN A 284 -20.10 6.44 15.02
N GLU A 285 -20.47 6.08 16.24
CA GLU A 285 -21.85 6.19 16.72
C GLU A 285 -22.04 7.51 17.45
N ALA A 286 -23.29 7.94 17.58
CA ALA A 286 -23.61 9.14 18.35
C ALA A 286 -23.10 8.96 19.78
N GLY A 287 -22.55 10.05 20.34
CA GLY A 287 -21.99 10.00 21.67
C GLY A 287 -20.55 9.52 21.71
N GLU A 288 -19.93 9.32 20.56
CA GLU A 288 -18.58 8.80 20.50
C GLU A 288 -17.56 9.81 19.94
N PHE A 289 -16.34 9.75 20.45
CA PHE A 289 -15.24 10.59 19.97
C PHE A 289 -14.37 9.86 18.96
N MET A 290 -13.93 10.59 17.94
CA MET A 290 -12.86 10.11 17.08
C MET A 290 -11.67 11.06 17.22
N ILE A 291 -10.48 10.50 17.33
CA ILE A 291 -9.25 11.28 17.36
C ILE A 291 -8.44 10.96 16.12
N THR A 292 -8.00 11.98 15.38
CA THR A 292 -7.05 11.74 14.31
C THR A 292 -5.69 12.25 14.73
N PHE A 293 -4.64 11.56 14.30
CA PHE A 293 -3.28 11.81 14.75
C PHE A 293 -2.49 12.47 13.63
N PRO A 294 -1.38 13.16 13.98
CA PRO A 294 -0.61 13.88 12.96
C PRO A 294 -0.22 13.02 11.77
N TYR A 295 -0.47 13.56 10.58
CA TYR A 295 -0.19 12.90 9.30
C TYR A 295 -1.01 11.62 9.13
N GLY A 296 -2.13 11.54 9.83
CA GLY A 296 -3.06 10.43 9.64
C GLY A 296 -4.09 10.76 8.58
N TYR A 297 -3.94 10.18 7.40
CA TYR A 297 -4.91 10.38 6.32
C TYR A 297 -6.23 9.68 6.64
N HIS A 298 -7.33 10.39 6.44
CA HIS A 298 -8.64 9.80 6.66
C HIS A 298 -9.68 10.36 5.70
N ALA A 299 -10.76 9.60 5.54
CA ALA A 299 -11.90 10.01 4.73
C ALA A 299 -13.11 9.23 5.22
N GLY A 300 -14.28 9.60 4.73
CA GLY A 300 -15.48 8.88 5.12
C GLY A 300 -16.78 9.53 4.71
N PHE A 301 -17.87 9.09 5.32
CA PHE A 301 -19.18 9.57 4.96
C PHE A 301 -20.18 9.45 6.11
N ASN A 302 -21.25 10.22 6.03
CA ASN A 302 -22.32 10.11 7.01
C ASN A 302 -23.44 9.18 6.55
N HIS A 303 -24.00 8.41 7.48
CA HIS A 303 -25.04 7.44 7.18
C HIS A 303 -26.39 8.10 6.95
N GLY A 304 -26.60 9.26 7.58
CA GLY A 304 -27.86 9.97 7.47
C GLY A 304 -27.79 11.26 8.23
N PHE A 305 -28.94 11.76 8.68
CA PHE A 305 -28.98 13.00 9.45
C PHE A 305 -28.19 12.86 10.74
N ASN A 306 -27.20 13.72 10.93
CA ASN A 306 -26.46 13.75 12.18
C ASN A 306 -25.84 15.12 12.41
N CYS A 307 -25.10 15.26 13.50
CA CYS A 307 -24.43 16.50 13.82
C CYS A 307 -23.14 16.19 14.56
N ALA A 308 -22.04 16.73 14.05
CA ALA A 308 -20.73 16.50 14.66
C ALA A 308 -20.05 17.82 14.96
N GLU A 309 -19.21 17.81 15.99
CA GLU A 309 -18.43 18.97 16.35
C GLU A 309 -16.95 18.61 16.33
N SER A 310 -16.12 19.51 15.80
CA SER A 310 -14.70 19.20 15.71
C SER A 310 -13.80 20.42 15.77
N THR A 311 -12.54 20.18 16.11
CA THR A 311 -11.50 21.19 16.06
C THR A 311 -10.16 20.47 15.99
N ASN A 312 -9.08 21.21 15.82
CA ASN A 312 -7.75 20.62 15.86
C ASN A 312 -7.09 20.84 17.21
N PHE A 313 -6.05 20.08 17.50
CA PHE A 313 -5.27 20.32 18.72
C PHE A 313 -3.86 19.79 18.52
N ALA A 314 -2.99 20.07 19.50
CA ALA A 314 -1.60 19.68 19.40
C ALA A 314 -1.09 18.97 20.65
N THR A 315 0.04 18.30 20.50
CA THR A 315 0.84 17.79 21.59
C THR A 315 2.28 18.12 21.22
N ARG A 316 3.22 17.87 22.12
CA ARG A 316 4.62 18.22 21.84
C ARG A 316 5.15 17.41 20.65
N ARG A 317 4.60 16.21 20.48
CA ARG A 317 4.97 15.36 19.36
C ARG A 317 4.60 15.97 18.01
N TRP A 318 3.52 16.75 17.98
CA TRP A 318 3.07 17.36 16.73
C TRP A 318 4.10 18.33 16.14
N ILE A 319 4.86 18.98 17.00
CA ILE A 319 5.72 20.10 16.60
C ILE A 319 6.61 19.77 15.41
N GLU A 320 7.25 18.60 15.45
CA GLU A 320 8.10 18.18 14.35
C GLU A 320 7.29 17.97 13.07
N TYR A 321 6.09 17.38 13.21
CA TYR A 321 5.18 17.23 12.09
C TYR A 321 4.84 18.59 11.49
N GLY A 322 4.55 19.55 12.38
CA GLY A 322 4.23 20.90 11.96
C GLY A 322 5.38 21.54 11.21
N LYS A 323 6.60 21.32 11.69
CA LYS A 323 7.78 21.90 11.04
C LYS A 323 7.98 21.33 9.63
N GLN A 324 7.54 20.10 9.42
CA GLN A 324 7.83 19.40 8.18
C GLN A 324 6.62 19.21 7.26
N ALA A 325 5.47 19.71 7.69
CA ALA A 325 4.24 19.57 6.91
C ALA A 325 4.40 20.18 5.52
N VAL A 326 4.01 19.43 4.50
CA VAL A 326 4.01 19.93 3.13
C VAL A 326 2.68 20.60 2.84
N LEU A 327 2.72 21.90 2.58
CA LEU A 327 1.50 22.70 2.49
C LEU A 327 1.04 22.95 1.07
N CYS A 328 -0.23 23.32 0.91
CA CYS A 328 -0.80 23.72 -0.37
C CYS A 328 -0.09 24.94 -0.94
N SER A 329 0.22 24.89 -2.22
CA SER A 329 1.02 25.95 -2.84
C SER A 329 0.31 26.72 -3.96
N CYS A 330 -1.00 26.52 -4.10
CA CYS A 330 -1.73 27.10 -5.22
C CYS A 330 -2.91 27.95 -4.77
N ARG A 331 -3.36 27.68 -3.55
CA ARG A 331 -4.56 28.28 -3.02
C ARG A 331 -4.14 29.38 -2.07
N LYS A 332 -4.75 30.56 -2.18
CA LYS A 332 -4.47 31.61 -1.21
C LYS A 332 -5.44 31.47 -0.03
N ASP A 333 -5.07 32.07 1.10
CA ASP A 333 -5.81 31.92 2.35
C ASP A 333 -5.86 30.47 2.80
N MET A 334 -4.82 29.70 2.47
CA MET A 334 -4.66 28.36 3.02
C MET A 334 -3.98 28.44 4.37
N VAL A 335 -4.28 27.46 5.22
CA VAL A 335 -3.83 27.51 6.62
C VAL A 335 -2.34 27.26 6.77
N LYS A 336 -1.63 28.29 7.18
CA LYS A 336 -0.20 28.19 7.50
C LYS A 336 0.07 28.78 8.87
N ILE A 337 0.42 27.92 9.82
CA ILE A 337 0.72 28.34 11.18
C ILE A 337 2.22 28.54 11.34
N SER A 338 2.63 29.68 11.87
CA SER A 338 4.04 29.93 12.13
C SER A 338 4.56 28.99 13.23
N MET A 339 5.55 28.17 12.90
CA MET A 339 6.09 27.19 13.84
C MET A 339 7.11 27.78 14.81
N ASP A 340 7.45 29.05 14.60
CA ASP A 340 8.55 29.68 15.32
C ASP A 340 8.40 29.59 16.84
N VAL A 341 7.24 29.98 17.36
CA VAL A 341 7.02 30.00 18.80
C VAL A 341 7.12 28.58 19.40
N PHE A 342 6.76 27.57 18.63
CA PHE A 342 6.82 26.20 19.12
C PHE A 342 8.25 25.69 19.21
N VAL A 343 9.05 26.02 18.19
CA VAL A 343 10.44 25.57 18.16
C VAL A 343 11.23 26.28 19.23
N ARG A 344 10.98 27.57 19.39
CA ARG A 344 11.69 28.36 20.41
C ARG A 344 11.39 27.83 21.81
N LYS A 345 10.14 27.52 22.08
CA LYS A 345 9.73 27.15 23.43
C LYS A 345 10.04 25.68 23.77
N PHE A 346 9.86 24.77 22.82
CA PHE A 346 9.98 23.34 23.11
C PHE A 346 11.19 22.68 22.46
N GLN A 347 11.85 23.39 21.55
CA GLN A 347 13.10 22.91 20.97
C GLN A 347 14.17 23.99 20.93
N PRO A 348 14.49 24.62 22.09
CA PRO A 348 15.40 25.77 22.08
C PRO A 348 16.78 25.44 21.53
N GLU A 349 17.25 24.23 21.78
CA GLU A 349 18.57 23.83 21.34
C GLU A 349 18.64 23.62 19.82
N ARG A 350 17.47 23.54 19.19
N ARG A 350 17.47 23.53 19.19
CA ARG A 350 17.41 23.31 17.76
CA ARG A 350 17.43 23.31 17.75
C ARG A 350 16.99 24.56 16.99
C ARG A 350 16.98 24.56 16.99
N TYR A 351 16.57 25.59 17.72
CA TYR A 351 16.02 26.80 17.12
C TYR A 351 16.95 27.46 16.08
N LYS A 352 18.22 27.61 16.44
CA LYS A 352 19.18 28.23 15.53
C LYS A 352 19.39 27.37 14.30
N LEU A 353 19.58 26.06 14.50
CA LEU A 353 19.76 25.15 13.37
C LEU A 353 18.55 25.17 12.46
N TRP A 354 17.37 25.21 13.05
CA TRP A 354 16.12 25.21 12.30
C TRP A 354 15.93 26.49 11.47
N LYS A 355 16.22 27.64 12.08
CA LYS A 355 16.12 28.92 11.38
C LYS A 355 17.10 28.96 10.21
N ALA A 356 18.24 28.31 10.39
CA ALA A 356 19.27 28.28 9.35
C ALA A 356 18.95 27.20 8.30
N GLY A 357 17.82 26.54 8.46
CA GLY A 357 17.38 25.53 7.52
C GLY A 357 18.20 24.25 7.54
N LYS A 358 18.91 24.03 8.64
CA LYS A 358 19.80 22.86 8.75
C LYS A 358 19.26 21.78 9.69
N ASP A 359 18.06 21.98 10.21
CA ASP A 359 17.45 20.95 11.06
C ASP A 359 16.96 19.79 10.21
N ASN A 360 17.67 18.66 10.28
CA ASN A 360 17.35 17.50 9.46
C ASN A 360 16.76 16.34 10.26
N THR A 361 16.07 16.66 11.34
CA THR A 361 15.39 15.68 12.17
C THR A 361 14.45 14.80 11.35
N VAL A 362 14.53 13.49 11.56
CA VAL A 362 13.68 12.54 10.85
C VAL A 362 12.59 12.01 11.79
N ILE A 363 11.34 12.07 11.35
CA ILE A 363 10.21 11.66 12.18
C ILE A 363 10.00 10.15 12.24
N ASP A 364 9.87 9.62 13.46
CA ASP A 364 9.47 8.23 13.65
C ASP A 364 8.00 8.18 14.05
N HIS A 365 7.17 7.71 13.13
CA HIS A 365 5.72 7.72 13.31
C HIS A 365 5.24 6.77 14.40
N THR A 366 6.12 5.91 14.90
CA THR A 366 5.75 4.92 15.90
C THR A 366 5.88 5.47 17.32
N LEU A 367 6.77 6.44 17.50
CA LEU A 367 7.04 7.01 18.83
C LEU A 367 5.82 7.72 19.39
N PRO A 368 5.54 7.50 20.70
CA PRO A 368 4.48 8.22 21.41
C PRO A 368 4.93 9.62 21.86
N THR A 369 3.98 10.53 22.07
CA THR A 369 4.33 11.88 22.53
C THR A 369 5.03 11.78 23.88
N PRO A 370 6.08 12.59 24.08
CA PRO A 370 6.92 12.55 25.29
C PRO A 370 6.14 12.74 26.59
N GLU A 371 4.95 13.33 26.52
CA GLU A 371 4.12 13.50 27.72
C GLU A 371 3.68 12.15 28.31
N ALA A 372 3.88 11.08 27.55
CA ALA A 372 3.47 9.75 27.96
C ALA A 372 4.58 9.01 28.69
N ALA A 373 5.58 9.74 29.19
CA ALA A 373 6.67 9.13 29.94
C ALA A 373 6.20 8.69 31.32
N GLU A 374 5.03 9.18 31.73
CA GLU A 374 4.41 8.78 32.99
C GLU A 374 3.94 7.33 32.91
N PHE A 375 3.71 6.86 31.69
CA PHE A 375 3.17 5.52 31.46
C PHE A 375 4.26 4.53 31.07
N ASN B 31 2.17 6.37 -14.34
CA ASN B 31 1.05 5.50 -14.66
C ASN B 31 0.76 4.36 -13.70
N PRO B 32 -0.29 4.54 -12.86
CA PRO B 32 -0.84 3.45 -12.02
C PRO B 32 -1.41 2.29 -12.82
N SER B 33 -1.71 2.57 -14.08
CA SER B 33 -2.06 1.54 -15.06
C SER B 33 -0.90 0.59 -15.29
N ALA B 34 0.29 0.97 -14.83
CA ALA B 34 1.46 0.11 -14.91
C ALA B 34 2.09 -0.08 -13.54
N ARG B 35 1.31 0.16 -12.49
CA ARG B 35 1.79 -0.05 -11.12
C ARG B 35 1.38 -1.42 -10.61
N ILE B 36 2.21 -2.01 -9.76
CA ILE B 36 1.97 -3.35 -9.25
C ILE B 36 0.64 -3.45 -8.49
N MET B 37 -0.22 -4.36 -8.95
CA MET B 37 -1.53 -4.55 -8.34
C MET B 37 -1.59 -5.77 -7.44
N THR B 38 -2.46 -5.69 -6.44
CA THR B 38 -2.70 -6.82 -5.54
C THR B 38 -4.15 -7.26 -5.69
N PHE B 39 -4.38 -8.57 -5.68
CA PHE B 39 -5.72 -9.11 -5.87
C PHE B 39 -6.11 -10.03 -4.73
N TYR B 40 -7.39 -10.09 -4.43
CA TYR B 40 -7.90 -10.90 -3.33
C TYR B 40 -9.06 -11.79 -3.78
N PRO B 41 -8.75 -12.88 -4.49
CA PRO B 41 -9.80 -13.75 -5.02
C PRO B 41 -10.61 -14.45 -3.93
N THR B 42 -11.90 -14.66 -4.21
CA THR B 42 -12.72 -15.53 -3.39
C THR B 42 -12.32 -16.97 -3.71
N MET B 43 -12.76 -17.91 -2.88
CA MET B 43 -12.39 -19.31 -3.08
C MET B 43 -12.87 -19.80 -4.45
N GLU B 44 -14.04 -19.34 -4.86
CA GLU B 44 -14.60 -19.73 -6.15
C GLU B 44 -13.76 -19.19 -7.31
N GLU B 45 -13.27 -17.96 -7.18
CA GLU B 45 -12.40 -17.38 -8.20
C GLU B 45 -11.06 -18.08 -8.19
N PHE B 46 -10.60 -18.41 -6.99
CA PHE B 46 -9.29 -18.99 -6.77
C PHE B 46 -9.14 -20.38 -7.36
N ARG B 47 -10.25 -21.12 -7.44
CA ARG B 47 -10.22 -22.51 -7.87
C ARG B 47 -9.78 -22.71 -9.32
N ASN B 48 -10.11 -21.76 -10.19
CA ASN B 48 -9.72 -21.88 -11.60
C ASN B 48 -8.54 -20.96 -11.91
N PHE B 49 -7.34 -21.54 -11.95
CA PHE B 49 -6.10 -20.78 -12.05
C PHE B 49 -5.97 -19.96 -13.34
N SER B 50 -5.96 -20.64 -14.48
CA SER B 50 -5.76 -19.98 -15.77
C SER B 50 -6.83 -18.92 -16.00
N ARG B 51 -8.01 -19.17 -15.47
CA ARG B 51 -9.12 -18.23 -15.58
C ARG B 51 -8.85 -16.96 -14.79
N TYR B 52 -8.40 -17.10 -13.55
CA TYR B 52 -8.16 -15.95 -12.71
C TYR B 52 -6.97 -15.12 -13.21
N ILE B 53 -6.00 -15.78 -13.81
CA ILE B 53 -4.88 -15.07 -14.45
C ILE B 53 -5.45 -14.19 -15.56
N ALA B 54 -6.35 -14.75 -16.35
CA ALA B 54 -7.03 -14.01 -17.39
C ALA B 54 -7.83 -12.83 -16.80
N TYR B 55 -8.39 -13.03 -15.62
CA TYR B 55 -9.17 -11.96 -14.99
C TYR B 55 -8.30 -10.78 -14.57
N ILE B 56 -7.20 -11.05 -13.88
CA ILE B 56 -6.35 -9.96 -13.39
C ILE B 56 -5.72 -9.23 -14.56
N GLU B 57 -5.55 -9.92 -15.69
CA GLU B 57 -5.03 -9.26 -16.88
C GLU B 57 -6.07 -8.33 -17.47
N SER B 58 -7.35 -8.69 -17.34
CA SER B 58 -8.42 -7.81 -17.80
C SER B 58 -8.48 -6.56 -16.92
N GLN B 59 -7.88 -6.65 -15.73
CA GLN B 59 -7.79 -5.51 -14.82
C GLN B 59 -6.47 -4.76 -14.98
N GLY B 60 -5.65 -5.19 -15.93
CA GLY B 60 -4.41 -4.51 -16.26
C GLY B 60 -3.19 -4.91 -15.44
N ALA B 61 -3.30 -6.00 -14.69
CA ALA B 61 -2.23 -6.43 -13.79
C ALA B 61 -0.91 -6.70 -14.51
N HIS B 62 -1.00 -7.15 -15.77
CA HIS B 62 0.18 -7.52 -16.54
C HIS B 62 1.06 -6.33 -16.94
N ARG B 63 0.48 -5.13 -16.96
CA ARG B 63 1.22 -3.97 -17.43
C ARG B 63 2.41 -3.62 -16.53
N ALA B 64 2.30 -3.90 -15.24
CA ALA B 64 3.41 -3.69 -14.31
C ALA B 64 4.50 -4.75 -14.46
N GLY B 65 4.13 -5.89 -15.04
CA GLY B 65 5.06 -7.02 -15.19
C GLY B 65 5.10 -7.92 -13.98
N LEU B 66 4.42 -7.48 -12.92
CA LEU B 66 4.42 -8.18 -11.65
C LEU B 66 3.11 -7.89 -10.91
N ALA B 67 2.53 -8.91 -10.29
CA ALA B 67 1.30 -8.73 -9.54
C ALA B 67 1.26 -9.63 -8.31
N LYS B 68 0.62 -9.17 -7.24
CA LYS B 68 0.46 -9.99 -6.06
C LYS B 68 -0.93 -10.59 -5.99
N VAL B 69 -1.02 -11.85 -5.60
CA VAL B 69 -2.30 -12.49 -5.37
C VAL B 69 -2.34 -13.05 -3.96
N VAL B 70 -3.26 -12.54 -3.15
CA VAL B 70 -3.46 -13.03 -1.79
C VAL B 70 -4.57 -14.06 -1.80
N PRO B 71 -4.24 -15.30 -1.41
CA PRO B 71 -5.21 -16.40 -1.45
C PRO B 71 -6.27 -16.25 -0.37
N PRO B 72 -7.42 -16.92 -0.52
CA PRO B 72 -8.45 -16.92 0.53
C PRO B 72 -7.86 -17.37 1.87
N LYS B 73 -8.34 -16.77 2.96
CA LYS B 73 -7.77 -17.04 4.28
C LYS B 73 -7.92 -18.50 4.70
N GLU B 74 -8.89 -19.19 4.11
CA GLU B 74 -9.17 -20.57 4.48
C GLU B 74 -8.36 -21.56 3.65
N TRP B 75 -7.60 -21.05 2.68
CA TRP B 75 -6.79 -21.90 1.83
C TRP B 75 -5.37 -22.05 2.38
N LYS B 76 -4.90 -23.30 2.41
CA LYS B 76 -3.52 -23.59 2.78
C LYS B 76 -3.01 -24.77 1.94
N PRO B 77 -1.82 -24.62 1.36
CA PRO B 77 -1.24 -25.65 0.49
C PRO B 77 -0.66 -26.83 1.29
N ARG B 78 -0.45 -26.60 2.58
CA ARG B 78 0.18 -27.60 3.42
C ARG B 78 -0.25 -27.41 4.88
N ALA B 79 -0.55 -28.52 5.56
CA ALA B 79 -1.00 -28.45 6.95
C ALA B 79 0.09 -27.86 7.86
N SER B 80 1.32 -28.34 7.69
CA SER B 80 2.39 -27.95 8.59
C SER B 80 3.77 -28.06 7.94
N TYR B 81 4.71 -27.21 8.38
CA TYR B 81 6.05 -27.18 7.83
C TYR B 81 7.12 -27.59 8.85
N ASP B 82 6.82 -28.58 9.68
CA ASP B 82 7.79 -29.00 10.70
C ASP B 82 8.44 -30.34 10.38
N ASP B 83 8.00 -30.98 9.30
CA ASP B 83 8.49 -32.30 8.96
C ASP B 83 9.55 -32.27 7.86
N ILE B 84 9.94 -31.06 7.44
CA ILE B 84 10.85 -30.91 6.32
C ILE B 84 12.28 -30.55 6.73
N ASP B 85 12.61 -30.73 8.01
CA ASP B 85 13.95 -30.43 8.48
C ASP B 85 15.01 -31.39 7.91
N ASP B 86 14.55 -32.53 7.41
CA ASP B 86 15.45 -33.52 6.83
C ASP B 86 15.56 -33.35 5.32
N LEU B 87 14.80 -32.40 4.78
CA LEU B 87 14.85 -32.10 3.35
C LEU B 87 16.26 -31.67 2.96
N VAL B 88 16.75 -32.19 1.84
CA VAL B 88 18.11 -31.93 1.42
C VAL B 88 18.18 -30.80 0.38
N ILE B 89 19.01 -29.81 0.66
CA ILE B 89 19.37 -28.78 -0.33
C ILE B 89 20.67 -29.18 -1.00
N PRO B 90 20.59 -29.80 -2.19
CA PRO B 90 21.74 -30.42 -2.84
C PRO B 90 22.83 -29.44 -3.28
N ALA B 91 22.45 -28.24 -3.67
CA ALA B 91 23.42 -27.29 -4.22
C ALA B 91 23.23 -25.86 -3.73
N PRO B 92 23.44 -25.61 -2.42
CA PRO B 92 23.36 -24.23 -1.97
C PRO B 92 24.47 -23.38 -2.59
N ILE B 93 24.20 -22.10 -2.85
CA ILE B 93 25.20 -21.26 -3.48
C ILE B 93 25.53 -20.05 -2.62
N GLN B 94 26.82 -19.79 -2.44
CA GLN B 94 27.26 -18.56 -1.79
C GLN B 94 27.26 -17.46 -2.85
N GLN B 95 26.62 -16.35 -2.53
CA GLN B 95 26.47 -15.28 -3.50
C GLN B 95 27.48 -14.17 -3.28
N LEU B 96 28.58 -14.22 -4.02
CA LEU B 96 29.54 -13.13 -4.00
C LEU B 96 29.15 -12.04 -4.97
N VAL B 97 29.33 -10.79 -4.54
CA VAL B 97 28.90 -9.64 -5.33
C VAL B 97 30.01 -8.60 -5.41
N THR B 98 30.32 -8.17 -6.63
CA THR B 98 31.31 -7.12 -6.85
C THR B 98 30.66 -5.97 -7.61
N GLY B 99 31.03 -4.75 -7.25
CA GLY B 99 30.48 -3.59 -7.92
C GLY B 99 30.48 -2.33 -7.07
N GLN B 100 29.89 -1.26 -7.62
CA GLN B 100 29.87 0.04 -6.98
C GLN B 100 28.89 0.96 -7.73
N SER B 101 28.46 2.02 -7.07
CA SER B 101 27.54 3.00 -7.67
C SER B 101 26.27 2.38 -8.23
N GLY B 102 25.70 1.43 -7.49
CA GLY B 102 24.43 0.83 -7.87
C GLY B 102 24.50 -0.24 -8.96
N LEU B 103 25.71 -0.54 -9.42
CA LEU B 103 25.88 -1.53 -10.50
C LEU B 103 26.74 -2.70 -10.02
N PHE B 104 26.19 -3.91 -10.10
CA PHE B 104 26.86 -5.07 -9.50
C PHE B 104 26.78 -6.31 -10.36
N THR B 105 27.75 -7.20 -10.18
CA THR B 105 27.72 -8.51 -10.79
C THR B 105 27.80 -9.56 -9.71
N GLN B 106 26.89 -10.53 -9.77
CA GLN B 106 26.82 -11.58 -8.76
C GLN B 106 27.44 -12.88 -9.27
N TYR B 107 28.38 -13.42 -8.48
CA TYR B 107 29.03 -14.69 -8.80
C TYR B 107 28.60 -15.75 -7.81
N ASN B 108 28.19 -16.92 -8.33
CA ASN B 108 27.76 -18.00 -7.47
C ASN B 108 28.88 -18.96 -7.15
N ILE B 109 29.02 -19.30 -5.88
CA ILE B 109 29.94 -20.36 -5.47
C ILE B 109 29.14 -21.46 -4.81
N GLN B 110 29.04 -22.61 -5.48
CA GLN B 110 28.27 -23.73 -4.94
C GLN B 110 28.96 -24.32 -3.72
N LYS B 111 28.18 -24.55 -2.67
CA LYS B 111 28.69 -25.15 -1.45
C LYS B 111 28.24 -26.60 -1.36
N LYS B 112 28.76 -27.31 -0.37
CA LYS B 112 28.36 -28.70 -0.14
C LYS B 112 26.88 -28.78 0.22
N ALA B 113 26.27 -29.92 -0.08
CA ALA B 113 24.86 -30.14 0.23
C ALA B 113 24.61 -29.98 1.71
N MET B 114 23.38 -29.59 2.06
CA MET B 114 23.00 -29.46 3.45
C MET B 114 21.49 -29.61 3.60
N THR B 115 21.04 -29.92 4.81
CA THR B 115 19.61 -30.05 5.07
C THR B 115 18.98 -28.70 5.41
N VAL B 116 17.66 -28.64 5.32
CA VAL B 116 16.92 -27.43 5.70
C VAL B 116 17.24 -27.04 7.14
N ARG B 117 17.42 -28.04 7.99
CA ARG B 117 17.77 -27.81 9.38
C ARG B 117 19.10 -27.07 9.49
N GLU B 118 20.12 -27.58 8.80
CA GLU B 118 21.44 -26.96 8.80
C GLU B 118 21.39 -25.57 8.19
N PHE B 119 20.59 -25.40 7.14
CA PHE B 119 20.44 -24.10 6.50
C PHE B 119 19.73 -23.11 7.42
N ARG B 120 18.66 -23.55 8.08
N ARG B 120 18.67 -23.57 8.07
CA ARG B 120 17.90 -22.65 8.94
CA ARG B 120 17.86 -22.74 8.97
C ARG B 120 18.77 -22.09 10.06
C ARG B 120 18.69 -22.15 10.11
N LYS B 121 19.57 -22.97 10.68
CA LYS B 121 20.42 -22.56 11.78
C LYS B 121 21.44 -21.51 11.36
N ILE B 122 22.02 -21.69 10.17
CA ILE B 122 22.98 -20.71 9.65
C ILE B 122 22.27 -19.39 9.32
N ALA B 123 21.11 -19.50 8.68
CA ALA B 123 20.34 -18.31 8.30
C ALA B 123 19.97 -17.46 9.52
N ASN B 124 19.62 -18.14 10.62
CA ASN B 124 19.18 -17.44 11.82
C ASN B 124 20.34 -17.11 12.76
N SER B 125 21.51 -17.66 12.46
CA SER B 125 22.71 -17.38 13.26
C SER B 125 23.02 -15.89 13.23
N ASP B 126 23.81 -15.42 14.19
CA ASP B 126 24.08 -13.99 14.35
C ASP B 126 24.70 -13.34 13.13
N LYS B 127 25.59 -14.04 12.45
CA LYS B 127 26.35 -13.44 11.36
C LYS B 127 25.53 -13.28 10.08
N TYR B 128 24.49 -14.08 9.93
CA TYR B 128 23.68 -14.02 8.70
C TYR B 128 22.23 -13.59 8.91
N CYS B 129 21.83 -13.35 10.16
CA CYS B 129 20.46 -12.96 10.43
C CYS B 129 20.17 -11.53 10.01
N THR B 130 18.88 -11.24 9.81
CA THR B 130 18.40 -9.90 9.46
C THR B 130 18.90 -8.84 10.44
N PRO B 131 19.37 -7.70 9.90
CA PRO B 131 19.72 -6.56 10.75
C PRO B 131 18.48 -5.94 11.40
N ARG B 132 18.71 -5.11 12.41
CA ARG B 132 17.64 -4.38 13.06
C ARG B 132 17.22 -3.19 12.20
N TYR B 133 15.92 -2.90 12.19
CA TYR B 133 15.40 -1.79 11.39
C TYR B 133 13.98 -1.42 11.81
N SER B 134 13.53 -0.24 11.38
CA SER B 134 12.17 0.22 11.65
C SER B 134 11.27 -0.01 10.44
N GLU B 135 11.35 0.89 9.47
CA GLU B 135 10.53 0.80 8.26
C GLU B 135 11.25 0.01 7.16
N PHE B 136 10.53 -0.35 6.10
CA PHE B 136 11.10 -1.13 5.01
C PHE B 136 12.26 -0.41 4.33
N GLU B 137 12.10 0.90 4.14
CA GLU B 137 13.11 1.71 3.46
C GLU B 137 14.49 1.59 4.11
N GLU B 138 14.50 1.37 5.42
CA GLU B 138 15.77 1.22 6.12
C GLU B 138 16.43 -0.11 5.79
N LEU B 139 15.62 -1.17 5.73
CA LEU B 139 16.15 -2.48 5.37
C LEU B 139 16.60 -2.48 3.92
N GLU B 140 15.88 -1.75 3.08
CA GLU B 140 16.21 -1.63 1.67
C GLU B 140 17.53 -0.91 1.50
N ARG B 141 17.72 0.18 2.24
CA ARG B 141 19.00 0.89 2.24
C ARG B 141 20.15 0.00 2.72
N LYS B 142 19.89 -0.78 3.77
CA LYS B 142 20.90 -1.68 4.30
C LYS B 142 21.25 -2.77 3.29
N TYR B 143 20.28 -3.20 2.49
CA TYR B 143 20.55 -4.17 1.44
C TYR B 143 21.54 -3.63 0.42
N TRP B 144 21.21 -2.47 -0.15
CA TRP B 144 22.02 -1.90 -1.24
C TRP B 144 23.35 -1.38 -0.74
N LYS B 145 23.43 -1.07 0.55
CA LYS B 145 24.69 -0.65 1.15
C LYS B 145 25.62 -1.82 1.44
N ASN B 146 25.05 -2.94 1.85
CA ASN B 146 25.86 -4.06 2.33
C ASN B 146 25.87 -5.25 1.37
N LEU B 147 25.37 -5.02 0.16
CA LEU B 147 25.22 -6.05 -0.86
C LEU B 147 26.50 -6.84 -1.13
N THR B 148 27.64 -6.17 -1.07
CA THR B 148 28.90 -6.80 -1.44
C THR B 148 29.69 -7.36 -0.26
N PHE B 149 29.14 -7.20 0.94
CA PHE B 149 29.80 -7.67 2.16
C PHE B 149 29.14 -8.94 2.68
N ASN B 150 29.88 -9.74 3.44
N ASN B 150 29.89 -9.73 3.43
CA ASN B 150 29.37 -10.94 4.10
CA ASN B 150 29.38 -10.94 4.10
C ASN B 150 28.46 -11.79 3.19
C ASN B 150 28.48 -11.81 3.22
N PRO B 151 29.03 -12.38 2.14
CA PRO B 151 28.24 -13.11 1.14
C PRO B 151 27.37 -14.22 1.75
N PRO B 152 26.06 -14.15 1.50
CA PRO B 152 25.09 -15.09 2.07
C PRO B 152 25.01 -16.39 1.29
N ILE B 153 24.22 -17.33 1.79
CA ILE B 153 24.00 -18.62 1.12
C ILE B 153 22.54 -18.74 0.72
N TYR B 154 22.30 -19.08 -0.54
CA TYR B 154 20.94 -19.24 -1.04
C TYR B 154 20.67 -20.70 -1.36
N GLY B 155 19.68 -21.28 -0.68
CA GLY B 155 19.30 -22.65 -0.94
C GLY B 155 18.38 -22.71 -2.14
N ALA B 156 18.92 -22.42 -3.31
CA ALA B 156 18.09 -22.21 -4.50
C ALA B 156 18.04 -23.43 -5.42
N ASP B 157 17.05 -23.42 -6.31
CA ASP B 157 16.88 -24.43 -7.35
C ASP B 157 16.77 -25.85 -6.83
N VAL B 158 16.07 -26.03 -5.71
CA VAL B 158 15.82 -27.37 -5.18
C VAL B 158 14.58 -27.93 -5.84
N ASN B 159 14.71 -29.04 -6.57
CA ASN B 159 13.54 -29.65 -7.16
C ASN B 159 12.66 -30.18 -6.06
N GLY B 160 11.36 -29.91 -6.15
CA GLY B 160 10.42 -30.39 -5.16
C GLY B 160 9.24 -29.45 -4.96
N THR B 161 8.24 -29.95 -4.25
CA THR B 161 7.05 -29.18 -3.94
C THR B 161 6.72 -29.40 -2.47
N LEU B 162 6.16 -28.37 -1.82
CA LEU B 162 5.74 -28.50 -0.44
C LEU B 162 4.22 -28.61 -0.36
N TYR B 163 3.57 -28.56 -1.52
CA TYR B 163 2.13 -28.77 -1.59
C TYR B 163 1.81 -30.20 -1.22
N GLU B 164 0.74 -30.39 -0.46
CA GLU B 164 0.22 -31.72 -0.22
C GLU B 164 -0.51 -32.17 -1.47
N LYS B 165 -0.45 -33.47 -1.76
CA LYS B 165 -0.86 -34.00 -3.06
C LYS B 165 -2.33 -33.75 -3.40
N HIS B 166 -3.14 -33.50 -2.37
CA HIS B 166 -4.58 -33.35 -2.55
C HIS B 166 -4.99 -31.92 -2.96
N VAL B 167 -4.13 -30.95 -2.70
CA VAL B 167 -4.43 -29.55 -2.98
C VAL B 167 -4.59 -29.33 -4.49
N ASP B 168 -5.81 -28.98 -4.91
CA ASP B 168 -6.11 -28.82 -6.33
C ASP B 168 -6.06 -27.37 -6.80
N GLU B 169 -5.95 -26.43 -5.86
CA GLU B 169 -6.01 -25.01 -6.21
C GLU B 169 -4.62 -24.39 -6.23
N TRP B 170 -4.26 -23.78 -7.36
CA TRP B 170 -2.98 -23.11 -7.53
C TRP B 170 -1.81 -24.00 -7.12
N ASN B 171 -1.87 -25.26 -7.53
CA ASN B 171 -0.79 -26.18 -7.26
C ASN B 171 0.33 -26.00 -8.28
N ILE B 172 1.45 -25.48 -7.79
CA ILE B 172 2.59 -25.12 -8.61
C ILE B 172 3.16 -26.34 -9.34
N GLY B 173 2.99 -27.51 -8.74
CA GLY B 173 3.45 -28.75 -9.35
C GLY B 173 2.59 -29.16 -10.54
N ARG B 174 1.36 -28.69 -10.59
CA ARG B 174 0.44 -29.10 -11.65
C ARG B 174 -0.59 -28.01 -12.00
N LEU B 175 -0.10 -26.85 -12.42
CA LEU B 175 -0.98 -25.77 -12.82
C LEU B 175 -1.70 -26.15 -14.11
N ARG B 176 -1.07 -27.03 -14.88
CA ARG B 176 -1.66 -27.58 -16.10
C ARG B 176 -2.14 -26.49 -17.05
N THR B 177 -1.24 -25.56 -17.36
CA THR B 177 -1.48 -24.57 -18.41
C THR B 177 -1.00 -25.14 -19.73
N ILE B 178 -1.10 -24.35 -20.79
CA ILE B 178 -0.69 -24.84 -22.12
C ILE B 178 0.83 -25.01 -22.22
N LEU B 179 1.55 -24.61 -21.19
CA LEU B 179 2.99 -24.87 -21.13
C LEU B 179 3.25 -26.38 -21.08
N ASP B 180 2.29 -27.11 -20.53
CA ASP B 180 2.37 -28.57 -20.46
C ASP B 180 2.54 -29.22 -21.82
N LEU B 181 2.13 -28.52 -22.88
CA LEU B 181 2.26 -29.03 -24.24
C LEU B 181 3.73 -29.30 -24.60
N VAL B 182 4.65 -28.73 -23.82
CA VAL B 182 6.07 -29.01 -24.02
C VAL B 182 6.40 -30.46 -23.65
N GLU B 183 5.88 -30.92 -22.53
CA GLU B 183 6.14 -32.28 -22.09
C GLU B 183 5.24 -33.29 -22.79
N LYS B 184 3.98 -32.93 -23.00
CA LYS B 184 3.01 -33.81 -23.64
C LYS B 184 3.38 -34.08 -25.10
N GLU B 185 4.14 -33.17 -25.70
CA GLU B 185 4.66 -33.34 -27.06
C GLU B 185 5.98 -34.12 -27.19
N SER B 186 6.97 -33.92 -26.32
CA SER B 186 8.21 -34.69 -26.44
C SER B 186 8.68 -35.36 -25.13
N GLY B 187 7.90 -35.24 -24.06
CA GLY B 187 8.36 -35.77 -22.78
C GLY B 187 9.47 -34.92 -22.18
N ILE B 188 9.62 -33.71 -22.71
CA ILE B 188 10.63 -32.79 -22.21
C ILE B 188 10.24 -32.21 -20.85
N THR B 189 11.08 -32.48 -19.86
CA THR B 189 10.95 -31.84 -18.55
C THR B 189 12.09 -30.85 -18.37
N ILE B 190 11.74 -29.59 -18.16
CA ILE B 190 12.72 -28.56 -17.89
C ILE B 190 12.61 -28.14 -16.44
N GLU B 191 13.57 -28.59 -15.62
CA GLU B 191 13.53 -28.35 -14.18
C GLU B 191 13.39 -26.87 -13.85
N GLY B 192 12.43 -26.56 -12.98
CA GLY B 192 12.15 -25.19 -12.59
C GLY B 192 11.23 -24.48 -13.56
N VAL B 193 11.09 -25.03 -14.77
CA VAL B 193 10.27 -24.39 -15.79
C VAL B 193 8.87 -25.00 -15.87
N ASN B 194 8.77 -26.28 -16.19
CA ASN B 194 7.47 -26.94 -16.09
C ASN B 194 7.42 -27.87 -14.89
N THR B 195 8.42 -27.75 -14.01
CA THR B 195 8.45 -28.50 -12.76
C THR B 195 8.72 -27.52 -11.62
N PRO B 196 8.31 -27.87 -10.39
CA PRO B 196 8.46 -26.92 -9.27
C PRO B 196 9.87 -26.85 -8.69
N TYR B 197 10.24 -25.66 -8.24
CA TYR B 197 11.53 -25.39 -7.59
C TYR B 197 11.27 -24.85 -6.19
N LEU B 198 12.14 -25.19 -5.25
CA LEU B 198 12.07 -24.59 -3.92
C LEU B 198 13.27 -23.67 -3.72
N TYR B 199 13.03 -22.55 -3.05
CA TYR B 199 14.06 -21.57 -2.74
C TYR B 199 14.10 -21.27 -1.25
N PHE B 200 15.16 -21.70 -0.59
CA PHE B 200 15.34 -21.39 0.83
C PHE B 200 16.25 -20.18 0.98
N GLY B 201 15.71 -19.08 1.50
CA GLY B 201 16.45 -17.84 1.56
C GLY B 201 16.97 -17.50 2.93
N MET B 202 17.94 -16.59 2.96
CA MET B 202 18.36 -15.95 4.19
C MET B 202 18.49 -14.47 3.88
N TRP B 203 18.81 -13.66 4.89
CA TRP B 203 18.94 -12.22 4.69
C TRP B 203 19.96 -11.91 3.60
N LYS B 204 19.59 -10.97 2.73
CA LYS B 204 20.47 -10.39 1.71
C LYS B 204 20.74 -11.32 0.53
N THR B 205 20.11 -12.48 0.48
CA THR B 205 20.18 -13.32 -0.72
C THR B 205 19.37 -12.67 -1.85
N SER B 206 19.89 -12.72 -3.06
CA SER B 206 19.33 -11.90 -4.15
C SER B 206 18.92 -12.69 -5.38
N PHE B 207 17.94 -12.15 -6.11
CA PHE B 207 17.73 -12.60 -7.49
C PHE B 207 17.89 -11.41 -8.42
N ALA B 208 18.78 -11.57 -9.40
CA ALA B 208 19.17 -10.50 -10.28
C ALA B 208 18.07 -10.17 -11.29
N TRP B 209 18.29 -9.08 -12.05
CA TRP B 209 17.34 -8.64 -13.06
C TRP B 209 17.22 -9.64 -14.19
N HIS B 210 15.99 -10.03 -14.49
CA HIS B 210 15.76 -11.02 -15.54
C HIS B 210 14.29 -11.08 -15.91
N THR B 211 14.02 -11.56 -17.11
CA THR B 211 12.70 -12.07 -17.43
C THR B 211 12.83 -13.59 -17.35
N GLU B 212 11.70 -14.31 -17.41
CA GLU B 212 11.75 -15.77 -17.36
C GLU B 212 12.34 -16.32 -18.65
N ASP B 213 12.78 -17.58 -18.64
CA ASP B 213 13.21 -18.23 -19.86
C ASP B 213 12.05 -18.21 -20.87
N MET B 214 12.38 -17.97 -22.14
CA MET B 214 11.39 -17.85 -23.21
C MET B 214 10.35 -16.78 -22.91
N ASP B 215 10.69 -15.87 -22.01
CA ASP B 215 9.80 -14.79 -21.56
C ASP B 215 8.43 -15.33 -21.10
N LEU B 216 8.45 -16.45 -20.41
CA LEU B 216 7.24 -17.06 -19.87
C LEU B 216 6.70 -16.28 -18.69
N TYR B 217 5.50 -16.65 -18.25
CA TYR B 217 5.02 -16.26 -16.92
C TYR B 217 5.81 -17.01 -15.85
N SER B 218 5.76 -16.52 -14.63
CA SER B 218 6.19 -17.32 -13.49
C SER B 218 5.24 -17.14 -12.33
N ILE B 219 5.20 -18.13 -11.45
CA ILE B 219 4.40 -18.03 -10.23
C ILE B 219 5.34 -18.28 -9.06
N ASN B 220 5.15 -17.54 -7.97
CA ASN B 220 6.01 -17.68 -6.81
C ASN B 220 5.17 -17.65 -5.54
N TYR B 221 5.25 -18.70 -4.75
CA TYR B 221 4.53 -18.76 -3.48
C TYR B 221 5.50 -18.80 -2.31
N LEU B 222 5.38 -17.84 -1.41
CA LEU B 222 6.20 -17.81 -0.20
C LEU B 222 5.55 -18.66 0.90
N HIS B 223 6.02 -19.90 1.03
CA HIS B 223 5.46 -20.86 1.99
C HIS B 223 5.52 -20.39 3.43
N PHE B 224 6.68 -19.91 3.86
CA PHE B 224 6.85 -19.45 5.24
C PHE B 224 8.06 -18.55 5.40
N GLY B 225 8.16 -17.92 6.56
CA GLY B 225 9.34 -17.16 6.92
C GLY B 225 9.24 -15.67 6.65
N GLU B 226 10.40 -15.02 6.65
CA GLU B 226 10.52 -13.58 6.44
C GLU B 226 10.18 -13.20 4.99
N PRO B 227 9.85 -11.92 4.75
CA PRO B 227 9.39 -11.48 3.43
C PRO B 227 10.42 -11.59 2.30
N LYS B 228 9.91 -11.45 1.08
CA LYS B 228 10.72 -11.35 -0.13
C LYS B 228 10.30 -10.08 -0.85
N SER B 229 11.23 -9.16 -1.05
CA SER B 229 10.91 -7.92 -1.75
C SER B 229 11.30 -7.97 -3.22
N TRP B 230 10.50 -7.29 -4.04
CA TRP B 230 10.60 -7.35 -5.48
C TRP B 230 10.72 -5.96 -6.11
N TYR B 231 11.47 -5.88 -7.20
CA TYR B 231 11.43 -4.71 -8.09
C TYR B 231 10.91 -5.17 -9.43
N SER B 232 10.18 -4.31 -10.12
CA SER B 232 9.65 -4.71 -11.43
C SER B 232 9.72 -3.55 -12.42
N VAL B 233 9.97 -3.89 -13.68
CA VAL B 233 9.93 -2.92 -14.77
C VAL B 233 8.83 -3.33 -15.73
N PRO B 234 7.95 -2.38 -16.10
CA PRO B 234 6.86 -2.72 -17.04
C PRO B 234 7.40 -3.29 -18.34
N PRO B 235 6.74 -4.35 -18.85
CA PRO B 235 7.13 -4.94 -20.14
C PRO B 235 7.26 -3.90 -21.24
N GLU B 236 6.43 -2.86 -21.21
CA GLU B 236 6.51 -1.83 -22.25
C GLU B 236 7.76 -0.95 -22.11
N HIS B 237 8.49 -1.10 -21.01
CA HIS B 237 9.74 -0.36 -20.84
C HIS B 237 10.95 -1.29 -20.73
N GLY B 238 10.74 -2.58 -20.96
CA GLY B 238 11.81 -3.57 -20.86
C GLY B 238 13.00 -3.32 -21.76
N LYS B 239 12.73 -2.87 -22.99
CA LYS B 239 13.82 -2.60 -23.94
C LYS B 239 14.75 -1.52 -23.43
N ARG B 240 14.18 -0.52 -22.74
CA ARG B 240 14.97 0.59 -22.20
C ARG B 240 15.89 0.11 -21.09
N LEU B 241 15.42 -0.84 -20.29
CA LEU B 241 16.26 -1.42 -19.26
C LEU B 241 17.44 -2.15 -19.91
N GLU B 242 17.14 -2.93 -20.94
CA GLU B 242 18.17 -3.68 -21.66
C GLU B 242 19.25 -2.78 -22.25
N ARG B 243 18.83 -1.68 -22.89
CA ARG B 243 19.79 -0.74 -23.46
C ARG B 243 20.65 -0.13 -22.36
N LEU B 244 20.03 0.15 -21.23
CA LEU B 244 20.76 0.67 -20.08
C LEU B 244 21.81 -0.33 -19.63
N ALA B 245 21.40 -1.58 -19.43
CA ALA B 245 22.31 -2.63 -18.99
C ALA B 245 23.44 -2.84 -19.99
N LYS B 246 23.12 -2.80 -21.28
CA LYS B 246 24.13 -2.95 -22.33
C LYS B 246 25.16 -1.84 -22.24
N GLY B 247 24.70 -0.62 -21.98
CA GLY B 247 25.58 0.51 -21.82
C GLY B 247 26.51 0.32 -20.64
N PHE B 248 25.98 -0.16 -19.53
CA PHE B 248 26.76 -0.33 -18.30
C PHE B 248 27.73 -1.50 -18.38
N PHE B 249 27.36 -2.53 -19.13
CA PHE B 249 28.20 -3.73 -19.23
C PHE B 249 28.48 -4.09 -20.68
N PRO B 250 29.26 -3.24 -21.38
CA PRO B 250 29.52 -3.42 -22.81
C PRO B 250 30.22 -4.74 -23.13
N GLY B 251 31.15 -5.13 -22.29
CA GLY B 251 31.88 -6.38 -22.48
C GLY B 251 30.94 -7.57 -22.49
N SER B 252 30.05 -7.63 -21.51
CA SER B 252 29.08 -8.72 -21.42
C SER B 252 28.12 -8.70 -22.60
N ALA B 253 27.65 -7.51 -22.97
CA ALA B 253 26.73 -7.33 -24.07
C ALA B 253 27.32 -7.85 -25.39
N GLN B 254 28.62 -7.66 -25.55
CA GLN B 254 29.29 -8.07 -26.78
C GLN B 254 29.42 -9.59 -26.88
N SER B 255 29.51 -10.26 -25.75
CA SER B 255 29.72 -11.71 -25.75
C SER B 255 28.41 -12.51 -25.76
N CYS B 256 27.30 -11.87 -25.40
CA CYS B 256 26.01 -12.54 -25.43
C CYS B 256 24.88 -11.57 -25.77
N GLU B 257 23.99 -12.01 -26.65
CA GLU B 257 22.88 -11.18 -27.10
C GLU B 257 21.86 -10.91 -25.99
N ALA B 258 21.86 -11.77 -24.97
CA ALA B 258 20.92 -11.64 -23.87
C ALA B 258 21.58 -11.97 -22.54
N PHE B 259 22.60 -11.21 -22.17
CA PHE B 259 23.43 -11.58 -21.03
C PHE B 259 22.67 -11.44 -19.70
N LEU B 260 21.56 -10.70 -19.71
CA LEU B 260 20.75 -10.56 -18.49
C LEU B 260 20.15 -11.89 -18.09
N ARG B 261 20.04 -12.81 -19.05
CA ARG B 261 19.52 -14.15 -18.75
C ARG B 261 20.53 -14.95 -17.93
N HIS B 262 21.76 -14.47 -17.85
CA HIS B 262 22.74 -15.09 -16.94
C HIS B 262 22.32 -14.90 -15.49
N LYS B 263 21.47 -13.91 -15.26
CA LYS B 263 20.93 -13.61 -13.93
C LYS B 263 22.05 -13.31 -12.94
N MET B 264 23.03 -12.53 -13.40
CA MET B 264 24.16 -12.12 -12.58
C MET B 264 24.17 -10.61 -12.36
N THR B 265 23.23 -9.89 -12.97
CA THR B 265 23.31 -8.44 -13.00
C THR B 265 22.38 -7.76 -11.99
N LEU B 266 22.97 -7.02 -11.04
CA LEU B 266 22.21 -6.29 -10.03
C LEU B 266 22.27 -4.78 -10.27
N ILE B 267 21.10 -4.14 -10.28
CA ILE B 267 21.01 -2.71 -10.55
C ILE B 267 20.08 -2.05 -9.54
N SER B 268 20.60 -1.06 -8.80
CA SER B 268 19.84 -0.43 -7.72
C SER B 268 18.70 0.43 -8.25
N PRO B 269 17.64 0.60 -7.44
CA PRO B 269 16.53 1.45 -7.87
C PRO B 269 16.96 2.91 -8.03
N LEU B 270 18.00 3.33 -7.31
CA LEU B 270 18.53 4.67 -7.46
C LEU B 270 19.06 4.86 -8.88
N MET B 271 19.70 3.82 -9.40
CA MET B 271 20.25 3.88 -10.75
C MET B 271 19.13 3.89 -11.78
N LEU B 272 18.10 3.07 -11.56
CA LEU B 272 16.94 3.06 -12.44
C LEU B 272 16.30 4.45 -12.52
N LYS B 273 16.14 5.09 -11.37
CA LYS B 273 15.51 6.41 -11.32
C LYS B 273 16.35 7.45 -12.05
N LYS B 274 17.66 7.38 -11.82
CA LYS B 274 18.60 8.33 -12.42
C LYS B 274 18.53 8.29 -13.94
N TYR B 275 18.35 7.10 -14.51
CA TYR B 275 18.37 6.96 -15.96
C TYR B 275 16.96 6.87 -16.55
N GLY B 276 15.98 7.24 -15.74
CA GLY B 276 14.61 7.38 -16.22
C GLY B 276 13.91 6.08 -16.57
N ILE B 277 14.33 4.98 -15.95
CA ILE B 277 13.63 3.71 -16.15
C ILE B 277 12.47 3.59 -15.15
N PRO B 278 11.24 3.50 -15.66
CA PRO B 278 10.09 3.32 -14.75
C PRO B 278 10.18 1.97 -14.05
N PHE B 279 9.82 1.95 -12.76
CA PHE B 279 9.82 0.69 -12.03
C PHE B 279 8.90 0.81 -10.83
N ASP B 280 8.57 -0.32 -10.22
CA ASP B 280 7.78 -0.30 -9.01
C ASP B 280 8.38 -1.32 -8.05
N LYS B 281 7.94 -1.30 -6.80
CA LYS B 281 8.43 -2.26 -5.82
C LYS B 281 7.29 -2.78 -4.97
N VAL B 282 7.45 -3.99 -4.44
CA VAL B 282 6.43 -4.61 -3.64
C VAL B 282 7.08 -5.66 -2.75
N THR B 283 6.52 -5.84 -1.56
CA THR B 283 7.05 -6.81 -0.63
C THR B 283 6.06 -7.95 -0.48
N GLN B 284 6.57 -9.17 -0.62
CA GLN B 284 5.76 -10.37 -0.59
C GLN B 284 5.83 -11.01 0.79
N GLU B 285 4.67 -11.24 1.40
CA GLU B 285 4.62 -11.86 2.73
C GLU B 285 4.35 -13.35 2.63
N ALA B 286 4.63 -14.07 3.72
CA ALA B 286 4.34 -15.49 3.78
C ALA B 286 2.87 -15.74 3.46
N GLY B 287 2.62 -16.77 2.67
CA GLY B 287 1.26 -17.11 2.27
C GLY B 287 0.74 -16.28 1.13
N GLU B 288 1.61 -15.52 0.48
CA GLU B 288 1.20 -14.71 -0.66
C GLU B 288 1.84 -15.21 -1.96
N PHE B 289 1.10 -15.10 -3.05
CA PHE B 289 1.63 -15.39 -4.38
C PHE B 289 2.14 -14.15 -5.06
N MET B 290 3.21 -14.30 -5.83
CA MET B 290 3.60 -13.29 -6.80
C MET B 290 3.51 -13.91 -8.19
N ILE B 291 2.99 -13.15 -9.14
CA ILE B 291 2.95 -13.56 -10.54
C ILE B 291 3.80 -12.62 -11.37
N THR B 292 4.72 -13.15 -12.17
CA THR B 292 5.43 -12.31 -13.12
C THR B 292 4.90 -12.61 -14.51
N PHE B 293 4.92 -11.59 -15.35
CA PHE B 293 4.29 -11.65 -16.66
C PHE B 293 5.33 -11.67 -17.75
N PRO B 294 4.94 -12.12 -18.97
CA PRO B 294 5.89 -12.21 -20.07
C PRO B 294 6.65 -10.91 -20.31
N TYR B 295 7.97 -11.03 -20.35
CA TYR B 295 8.88 -9.91 -20.59
C TYR B 295 8.80 -8.87 -19.47
N GLY B 296 8.36 -9.30 -18.30
CA GLY B 296 8.40 -8.45 -17.13
C GLY B 296 9.72 -8.65 -16.40
N TYR B 297 10.61 -7.67 -16.51
CA TYR B 297 11.87 -7.72 -15.79
C TYR B 297 11.66 -7.54 -14.29
N HIS B 298 12.31 -8.38 -13.50
CA HIS B 298 12.22 -8.25 -12.04
C HIS B 298 13.50 -8.65 -11.36
N ALA B 299 13.63 -8.20 -10.12
CA ALA B 299 14.77 -8.48 -9.27
C ALA B 299 14.34 -8.29 -7.83
N GLY B 300 15.16 -8.72 -6.89
CA GLY B 300 14.83 -8.52 -5.49
C GLY B 300 15.73 -9.23 -4.52
N PHE B 301 15.27 -9.32 -3.27
CA PHE B 301 16.07 -9.93 -2.21
C PHE B 301 15.20 -10.46 -1.08
N ASN B 302 15.77 -11.38 -0.31
CA ASN B 302 15.05 -11.96 0.84
C ASN B 302 15.37 -11.25 2.15
N HIS B 303 14.36 -11.06 2.99
CA HIS B 303 14.53 -10.34 4.26
C HIS B 303 15.22 -11.17 5.32
N GLY B 304 14.98 -12.48 5.29
CA GLY B 304 15.53 -13.39 6.27
C GLY B 304 15.23 -14.81 5.87
N PHE B 305 15.22 -15.72 6.85
CA PHE B 305 14.99 -17.12 6.55
C PHE B 305 13.57 -17.34 6.02
N ASN B 306 13.47 -17.96 4.85
CA ASN B 306 12.18 -18.24 4.25
C ASN B 306 12.26 -19.36 3.22
N CYS B 307 11.11 -19.73 2.69
CA CYS B 307 11.05 -20.76 1.66
C CYS B 307 9.97 -20.41 0.66
N ALA B 308 10.36 -20.39 -0.61
CA ALA B 308 9.43 -20.07 -1.67
C ALA B 308 9.41 -21.19 -2.70
N GLU B 309 8.25 -21.42 -3.30
CA GLU B 309 8.11 -22.40 -4.36
C GLU B 309 7.73 -21.69 -5.64
N SER B 310 8.27 -22.13 -6.76
CA SER B 310 8.02 -21.45 -8.03
C SER B 310 8.13 -22.35 -9.24
N THR B 311 7.51 -21.92 -10.33
CA THR B 311 7.62 -22.58 -11.62
C THR B 311 7.19 -21.58 -12.69
N ASN B 312 7.36 -21.96 -13.94
CA ASN B 312 6.87 -21.14 -15.04
C ASN B 312 5.53 -21.68 -15.54
N PHE B 313 4.78 -20.83 -16.22
CA PHE B 313 3.55 -21.28 -16.86
C PHE B 313 3.26 -20.39 -18.06
N ALA B 314 2.24 -20.75 -18.82
CA ALA B 314 1.94 -20.03 -20.06
C ALA B 314 0.45 -19.77 -20.21
N THR B 315 0.13 -18.74 -20.99
CA THR B 315 -1.22 -18.54 -21.47
C THR B 315 -1.11 -18.43 -22.98
N ARG B 316 -2.25 -18.26 -23.64
CA ARG B 316 -2.25 -18.08 -25.09
C ARG B 316 -1.54 -16.78 -25.47
N ARG B 317 -1.59 -15.79 -24.58
CA ARG B 317 -0.96 -14.50 -24.86
C ARG B 317 0.57 -14.61 -24.89
N TRP B 318 1.10 -15.58 -24.15
CA TRP B 318 2.56 -15.77 -24.10
C TRP B 318 3.15 -16.20 -25.43
N ILE B 319 2.38 -16.91 -26.25
CA ILE B 319 2.90 -17.57 -27.43
C ILE B 319 3.70 -16.63 -28.34
N GLU B 320 3.19 -15.42 -28.54
CA GLU B 320 3.88 -14.43 -29.34
C GLU B 320 5.18 -14.01 -28.68
N TYR B 321 5.16 -13.86 -27.36
CA TYR B 321 6.36 -13.54 -26.61
C TYR B 321 7.41 -14.64 -26.77
N GLY B 322 6.97 -15.88 -26.68
CA GLY B 322 7.86 -17.01 -26.86
C GLY B 322 8.49 -17.03 -28.25
N LYS B 323 7.70 -16.65 -29.25
CA LYS B 323 8.17 -16.62 -30.63
C LYS B 323 9.25 -15.56 -30.84
N GLN B 324 9.19 -14.49 -30.05
CA GLN B 324 10.07 -13.36 -30.26
C GLN B 324 11.15 -13.20 -29.19
N ALA B 325 11.18 -14.13 -28.23
CA ALA B 325 12.16 -14.08 -27.14
C ALA B 325 13.58 -14.05 -27.66
N VAL B 326 14.39 -13.13 -27.15
CA VAL B 326 15.81 -13.09 -27.50
C VAL B 326 16.59 -13.94 -26.51
N LEU B 327 17.23 -14.99 -27.01
CA LEU B 327 17.83 -15.99 -26.12
C LEU B 327 19.34 -15.85 -25.94
N CYS B 328 19.83 -16.43 -24.85
CA CYS B 328 21.26 -16.50 -24.56
C CYS B 328 22.00 -17.27 -25.65
N SER B 329 23.03 -16.64 -26.21
CA SER B 329 23.73 -17.22 -27.35
C SER B 329 25.14 -17.72 -26.99
N CYS B 330 25.52 -17.63 -25.73
CA CYS B 330 26.90 -17.91 -25.34
C CYS B 330 27.05 -19.19 -24.51
N ARG B 331 25.93 -19.77 -24.11
CA ARG B 331 25.98 -20.98 -23.31
C ARG B 331 25.15 -22.11 -23.89
N LYS B 332 25.73 -23.30 -23.93
CA LYS B 332 24.97 -24.51 -24.22
C LYS B 332 24.14 -24.84 -22.98
N ASP B 333 23.15 -25.72 -23.15
CA ASP B 333 22.27 -26.15 -22.06
C ASP B 333 21.40 -25.03 -21.50
N MET B 334 21.30 -23.93 -22.25
CA MET B 334 20.34 -22.87 -21.91
C MET B 334 18.95 -23.31 -22.34
N VAL B 335 17.93 -22.83 -21.64
CA VAL B 335 16.56 -23.25 -21.93
C VAL B 335 16.02 -22.67 -23.23
N LYS B 336 15.84 -23.55 -24.22
CA LYS B 336 15.24 -23.18 -25.48
C LYS B 336 14.05 -24.08 -25.78
N ILE B 337 12.86 -23.51 -25.78
CA ILE B 337 11.64 -24.25 -26.01
C ILE B 337 11.19 -24.10 -27.46
N SER B 338 10.90 -25.22 -28.11
CA SER B 338 10.40 -25.18 -29.48
C SER B 338 8.99 -24.60 -29.51
N MET B 339 8.81 -23.54 -30.30
CA MET B 339 7.52 -22.86 -30.37
C MET B 339 6.57 -23.49 -31.39
N ASP B 340 7.10 -24.46 -32.13
CA ASP B 340 6.38 -25.04 -33.25
C ASP B 340 5.00 -25.57 -32.87
N VAL B 341 4.92 -26.33 -31.79
CA VAL B 341 3.65 -26.91 -31.37
C VAL B 341 2.63 -25.84 -31.00
N PHE B 342 3.11 -24.71 -30.49
CA PHE B 342 2.20 -23.66 -30.04
C PHE B 342 1.63 -22.90 -31.23
N VAL B 343 2.49 -22.60 -32.19
CA VAL B 343 2.07 -21.89 -33.38
C VAL B 343 1.14 -22.76 -34.20
N ARG B 344 1.48 -24.05 -34.31
CA ARG B 344 0.67 -25.00 -35.06
C ARG B 344 -0.74 -25.11 -34.48
N LYS B 345 -0.84 -25.24 -33.16
CA LYS B 345 -2.11 -25.47 -32.50
C LYS B 345 -2.95 -24.20 -32.30
N PHE B 346 -2.29 -23.10 -31.90
CA PHE B 346 -3.03 -21.91 -31.53
C PHE B 346 -2.98 -20.79 -32.57
N GLN B 347 -2.06 -20.89 -33.52
CA GLN B 347 -1.99 -19.92 -34.61
C GLN B 347 -1.94 -20.59 -35.98
N PRO B 348 -2.92 -21.46 -36.30
CA PRO B 348 -2.79 -22.25 -37.53
C PRO B 348 -2.73 -21.40 -38.80
N GLU B 349 -3.41 -20.26 -38.79
CA GLU B 349 -3.47 -19.43 -39.99
C GLU B 349 -2.16 -18.67 -40.19
N ARG B 350 -1.32 -18.65 -39.16
CA ARG B 350 -0.05 -17.95 -39.22
C ARG B 350 1.15 -18.91 -39.28
N TYR B 351 0.88 -20.22 -39.17
CA TYR B 351 1.94 -21.21 -39.07
C TYR B 351 2.85 -21.30 -40.29
N LYS B 352 2.26 -21.37 -41.48
CA LYS B 352 3.06 -21.45 -42.70
C LYS B 352 3.99 -20.24 -42.80
N LEU B 353 3.42 -19.06 -42.60
CA LEU B 353 4.18 -17.82 -42.64
C LEU B 353 5.32 -17.84 -41.63
N TRP B 354 5.01 -18.23 -40.40
CA TRP B 354 6.00 -18.26 -39.33
C TRP B 354 7.16 -19.18 -39.66
N LYS B 355 6.86 -20.36 -40.18
CA LYS B 355 7.89 -21.32 -40.57
C LYS B 355 8.79 -20.75 -41.65
N ALA B 356 8.23 -19.91 -42.51
CA ALA B 356 8.98 -19.27 -43.57
C ALA B 356 9.80 -18.09 -43.04
N GLY B 357 9.63 -17.79 -41.75
CA GLY B 357 10.36 -16.69 -41.14
C GLY B 357 9.88 -15.33 -41.59
N LYS B 358 8.61 -15.23 -41.97
CA LYS B 358 8.05 -13.97 -42.42
C LYS B 358 6.84 -13.53 -41.57
N ASP B 359 6.71 -14.12 -40.37
CA ASP B 359 5.71 -13.66 -39.41
C ASP B 359 6.23 -12.41 -38.71
N ASN B 360 5.66 -11.27 -39.08
CA ASN B 360 6.10 -9.98 -38.54
C ASN B 360 5.08 -9.38 -37.59
N THR B 361 4.45 -10.23 -36.79
CA THR B 361 3.52 -9.78 -35.76
C THR B 361 4.25 -8.89 -34.74
N VAL B 362 3.63 -7.76 -34.39
CA VAL B 362 4.20 -6.84 -33.41
C VAL B 362 3.44 -6.94 -32.09
N ILE B 363 4.17 -7.15 -31.00
CA ILE B 363 3.55 -7.31 -29.69
C ILE B 363 3.12 -5.97 -29.09
N ASP B 364 1.88 -5.91 -28.64
CA ASP B 364 1.37 -4.80 -27.83
C ASP B 364 1.28 -5.27 -26.38
N HIS B 365 2.17 -4.74 -25.54
CA HIS B 365 2.30 -5.19 -24.16
C HIS B 365 1.10 -4.81 -23.27
N THR B 366 0.19 -3.99 -23.79
CA THR B 366 -0.93 -3.52 -22.98
C THR B 366 -2.16 -4.43 -23.09
N LEU B 367 -2.19 -5.25 -24.15
CA LEU B 367 -3.33 -6.14 -24.38
C LEU B 367 -3.40 -7.29 -23.37
N PRO B 368 -4.62 -7.59 -22.91
CA PRO B 368 -4.84 -8.78 -22.06
C PRO B 368 -4.95 -10.04 -22.90
N THR B 369 -4.74 -11.21 -22.30
CA THR B 369 -4.83 -12.47 -23.01
C THR B 369 -6.25 -12.65 -23.55
N PRO B 370 -6.40 -13.31 -24.71
CA PRO B 370 -7.72 -13.54 -25.32
C PRO B 370 -8.68 -14.31 -24.41
N GLU B 371 -8.14 -15.05 -23.44
CA GLU B 371 -8.97 -15.79 -22.49
C GLU B 371 -9.78 -14.85 -21.59
N ALA B 372 -9.41 -13.57 -21.59
CA ALA B 372 -10.09 -12.58 -20.76
C ALA B 372 -11.25 -11.90 -21.49
N ALA B 373 -11.72 -12.54 -22.57
CA ALA B 373 -12.80 -11.99 -23.37
C ALA B 373 -14.12 -12.01 -22.60
N GLU B 374 -14.28 -12.98 -21.71
CA GLU B 374 -15.51 -13.11 -20.94
C GLU B 374 -15.64 -12.01 -19.89
N PHE B 375 -14.51 -11.41 -19.52
CA PHE B 375 -14.49 -10.35 -18.52
C PHE B 375 -14.59 -8.97 -19.17
N LEU B 376 -14.13 -8.87 -20.41
CA LEU B 376 -14.17 -7.60 -21.13
C LEU B 376 -15.39 -7.51 -22.05
MN MN C . -10.14 15.54 9.33
MN MN D . -5.95 15.16 -12.85
N01 KCH E . -12.78 20.19 5.37
C02 KCH E . -12.22 19.50 6.48
C03 KCH E . -11.08 19.98 7.09
C04 KCH E . -10.54 19.32 8.18
C05 KCH E . -11.13 18.17 8.66
C06 KCH E . -12.27 17.67 8.04
C07 KCH E . -12.82 18.35 6.95
C08 KCH E . -12.92 16.53 8.49
C09 KCH E . -14.29 16.56 8.52
C10 KCH E . -15.01 15.46 8.97
C11 KCH E . -14.30 14.34 9.38
C12 KCH E . -12.91 14.35 9.33
N13 KCH E . -12.25 15.42 8.89
C14 KCH E . -16.52 15.53 8.98
O15 KCH E . -17.09 15.93 7.94
O16 KCH E . -17.17 15.20 10.01
O17 KCH E . -10.57 17.50 9.76
ZN ZN F . -3.15 23.64 -3.53
CL CL G . -1.23 15.93 -1.15
CL CL H . -12.12 20.72 11.92
MN MN I . 11.90 -14.76 -12.04
MN MN J . 31.58 -5.54 -19.09
N01 KCH K . 17.42 -18.43 -11.51
C02 KCH K . 16.07 -18.01 -11.69
C03 KCH K . 15.39 -18.35 -12.84
C04 KCH K . 14.08 -17.94 -13.02
C05 KCH K . 13.45 -17.20 -12.04
C06 KCH K . 14.13 -16.83 -10.88
C07 KCH K . 15.44 -17.25 -10.70
C08 KCH K . 13.52 -16.09 -9.88
C09 KCH K . 13.81 -16.43 -8.57
C10 KCH K . 13.24 -15.73 -7.51
C11 KCH K . 12.37 -14.70 -7.80
C12 KCH K . 12.12 -14.40 -9.14
N13 KCH K . 12.68 -15.08 -10.14
C14 KCH K . 13.56 -16.11 -6.09
O15 KCH K . 14.78 -16.20 -5.76
O16 KCH K . 12.64 -16.31 -5.26
O17 KCH K . 12.12 -16.79 -12.23
ZN ZN L . 24.64 -15.85 -22.69
CL CL M . 11.59 -20.85 -11.38
C1 EDO N . -1.45 -7.67 1.36
O1 EDO N . -1.20 -6.39 0.77
C2 EDO N . -0.80 -7.75 2.74
O2 EDO N . 0.60 -7.97 2.57
#